data_8D99
#
_entry.id   8D99
#
_cell.length_a   74.900
_cell.length_b   95.576
_cell.length_c   96.852
_cell.angle_alpha   90.000
_cell.angle_beta   90.000
_cell.angle_gamma   90.000
#
_symmetry.space_group_name_H-M   'P 21 21 21'
#
loop_
_entity.id
_entity.type
_entity.pdbx_description
1 polymer 'Hdac6 protein'
2 non-polymer 'ZINC ION'
3 non-polymer 'POTASSIUM ION'
4 non-polymer 2,3,6-trifluoro-N-hydroxybenzamide
5 water water
#
_entity_poly.entity_id   1
_entity_poly.type   'polypeptide(L)'
_entity_poly.pdbx_seq_one_letter_code
;SNAGGSSPITGLVYDQRMMLHHNMWDSHHPELPQRISRIFSRHEELRLLSRCHRIPARLATEEELALCHSSKHISIIKSS
EHMKPRDLNRLGDEYNSIFISNESYTCALLAAGSCFNSAQAILTGQVRNAVAIVRPPGHHAEKDTACGFCFFNTAALTAR
YAQSITRESLRVLIVDWDVHHGNGTQHIFEEDDSVLYISLHRYEDGAFFPNSEDANYDKVGLGKGRGYNVNIPWNGGKMG
DPEYMAAFHHLVMPIAREFAPELVLVSAGFDAARGDPLGGFQVTPEGYAHLTHQLMSLAAGRVLIILEGGYNLTSISESM
SMCTSMLLGDSPPSLDHLTPLKTSATVSINNVLRAHAPFWSSLR
;
_entity_poly.pdbx_strand_id   A,B
#
# COMPACT_ATOMS: atom_id res chain seq x y z
N PRO A 8 -8.80 0.02 29.12
CA PRO A 8 -7.67 0.61 28.40
C PRO A 8 -7.78 0.35 26.91
N ILE A 9 -8.87 0.82 26.30
CA ILE A 9 -9.29 0.45 24.95
C ILE A 9 -9.04 1.62 24.00
N THR A 10 -8.55 1.30 22.80
CA THR A 10 -8.39 2.27 21.71
C THR A 10 -9.48 2.02 20.69
N GLY A 11 -10.22 3.06 20.34
CA GLY A 11 -11.22 2.95 19.31
C GLY A 11 -10.66 3.25 17.93
N LEU A 12 -11.33 2.71 16.91
CA LEU A 12 -10.95 2.97 15.52
C LEU A 12 -12.22 3.08 14.70
N VAL A 13 -12.33 4.16 13.92
CA VAL A 13 -13.47 4.32 13.03
C VAL A 13 -12.95 4.36 11.60
N TYR A 14 -13.58 3.57 10.74
CA TYR A 14 -13.28 3.52 9.32
C TYR A 14 -14.53 3.03 8.62
N ASP A 15 -14.91 3.68 7.53
CA ASP A 15 -16.04 3.24 6.75
C ASP A 15 -15.70 3.38 5.28
N GLN A 16 -15.79 2.27 4.55
CA GLN A 16 -15.42 2.24 3.14
C GLN A 16 -16.28 3.17 2.29
N ARG A 17 -17.47 3.52 2.78
CA ARG A 17 -18.34 4.42 2.04
C ARG A 17 -17.71 5.79 1.86
N MET A 18 -16.76 6.17 2.71
CA MET A 18 -16.10 7.46 2.49
C MET A 18 -15.19 7.43 1.25
N MET A 19 -14.93 6.26 0.65
CA MET A 19 -14.19 6.32 -0.61
C MET A 19 -15.06 6.72 -1.79
N LEU A 20 -16.36 6.91 -1.61
CA LEU A 20 -17.22 7.23 -2.75
C LEU A 20 -16.99 8.64 -3.28
N HIS A 21 -16.58 9.56 -2.41
CA HIS A 21 -16.18 10.89 -2.84
C HIS A 21 -15.00 10.79 -3.81
N HIS A 22 -15.13 11.37 -5.00
CA HIS A 22 -14.09 11.19 -6.00
C HIS A 22 -14.09 12.36 -6.98
N ASN A 23 -13.00 12.45 -7.74
CA ASN A 23 -12.82 13.44 -8.80
C ASN A 23 -13.22 12.78 -10.12
N MET A 24 -14.32 13.23 -10.72
CA MET A 24 -14.79 12.47 -11.87
C MET A 24 -14.11 12.89 -13.17
N TRP A 25 -13.22 13.87 -13.12
CA TRP A 25 -12.47 14.32 -14.29
C TRP A 25 -11.00 13.95 -14.22
N ASP A 26 -10.49 13.66 -13.03
CA ASP A 26 -9.06 13.39 -12.81
C ASP A 26 -8.96 12.25 -11.80
N SER A 27 -8.87 11.02 -12.31
CA SER A 27 -8.75 9.83 -11.46
C SER A 27 -7.47 9.84 -10.64
N HIS A 28 -6.52 10.72 -10.94
CA HIS A 28 -5.23 10.74 -10.28
C HIS A 28 -5.07 11.93 -9.34
N HIS A 29 -6.15 12.67 -9.07
CA HIS A 29 -6.07 13.76 -8.11
C HIS A 29 -5.59 13.20 -6.77
N PRO A 30 -4.66 13.89 -6.10
CA PRO A 30 -3.99 13.30 -4.94
C PRO A 30 -4.89 12.98 -3.76
N GLU A 31 -6.05 13.63 -3.62
CA GLU A 31 -6.97 13.32 -2.50
C GLU A 31 -7.81 12.11 -2.91
N LEU A 32 -7.17 10.95 -2.87
CA LEU A 32 -7.62 9.70 -3.48
C LEU A 32 -8.53 8.92 -2.54
N PRO A 33 -9.57 8.28 -3.08
CA PRO A 33 -10.39 7.38 -2.23
C PRO A 33 -9.54 6.36 -1.48
N GLN A 34 -8.50 5.81 -2.11
CA GLN A 34 -7.74 4.76 -1.45
C GLN A 34 -6.80 5.31 -0.37
N ARG A 35 -6.80 6.61 -0.09
CA ARG A 35 -6.05 7.09 1.07
C ARG A 35 -6.51 6.37 2.35
N ILE A 36 -7.82 6.24 2.53
CA ILE A 36 -8.30 5.65 3.78
C ILE A 36 -8.23 4.14 3.73
N SER A 37 -8.48 3.52 2.59
CA SER A 37 -8.40 2.06 2.53
C SER A 37 -6.96 1.59 2.69
N ARG A 38 -6.00 2.40 2.24
CA ARG A 38 -4.60 2.03 2.40
C ARG A 38 -4.18 2.10 3.86
N ILE A 39 -4.59 3.16 4.56
CA ILE A 39 -4.30 3.22 5.99
C ILE A 39 -4.93 2.05 6.72
N PHE A 40 -6.20 1.77 6.42
CA PHE A 40 -6.89 0.65 7.03
C PHE A 40 -6.17 -0.66 6.76
N SER A 41 -5.78 -0.89 5.50
CA SER A 41 -5.09 -2.13 5.15
C SER A 41 -3.78 -2.28 5.94
N ARG A 42 -3.05 -1.17 6.15
CA ARG A 42 -1.80 -1.27 6.89
C ARG A 42 -2.04 -1.63 8.35
N HIS A 43 -3.15 -1.16 8.92
CA HIS A 43 -3.51 -1.57 10.29
C HIS A 43 -3.79 -3.07 10.35
N GLU A 44 -4.40 -3.61 9.29
CA GLU A 44 -4.63 -5.06 9.21
C GLU A 44 -3.30 -5.82 9.14
N GLU A 45 -2.40 -5.40 8.25
CA GLU A 45 -1.13 -6.09 8.07
C GLU A 45 -0.31 -6.11 9.35
N LEU A 46 -0.34 -5.00 10.08
CA LEU A 46 0.39 -4.88 11.33
C LEU A 46 -0.38 -5.47 12.50
N ARG A 47 -1.57 -6.03 12.24
CA ARG A 47 -2.42 -6.65 13.26
C ARG A 47 -2.76 -5.66 14.38
N LEU A 48 -2.86 -4.39 14.00
CA LEU A 48 -3.36 -3.37 14.91
C LEU A 48 -4.87 -3.38 14.98
N LEU A 49 -5.55 -3.81 13.90
CA LEU A 49 -6.99 -3.66 13.84
C LEU A 49 -7.69 -4.46 14.95
N SER A 50 -7.30 -5.73 15.14
CA SER A 50 -7.95 -6.54 16.15
C SER A 50 -7.62 -6.10 17.58
N ARG A 51 -6.68 -5.19 17.77
CA ARG A 51 -6.40 -4.67 19.09
C ARG A 51 -7.27 -3.47 19.42
N CYS A 52 -8.04 -2.97 18.46
CA CYS A 52 -8.87 -1.80 18.61
C CYS A 52 -10.34 -2.19 18.67
N HIS A 53 -11.12 -1.39 19.37
CA HIS A 53 -12.57 -1.51 19.31
C HIS A 53 -13.08 -0.69 18.14
N ARG A 54 -13.90 -1.32 17.30
CA ARG A 54 -14.45 -0.63 16.13
C ARG A 54 -15.58 0.31 16.56
N ILE A 55 -15.42 1.60 16.29
CA ILE A 55 -16.47 2.59 16.53
C ILE A 55 -17.23 2.80 15.23
N PRO A 56 -18.57 2.72 15.24
CA PRO A 56 -19.32 2.82 13.98
C PRO A 56 -19.31 4.24 13.42
N ALA A 57 -19.30 4.33 12.10
CA ALA A 57 -19.54 5.62 11.45
C ALA A 57 -21.00 6.00 11.53
N ARG A 58 -21.28 7.29 11.40
CA ARG A 58 -22.66 7.77 11.22
C ARG A 58 -22.60 9.08 10.45
N LEU A 59 -23.76 9.50 9.95
CA LEU A 59 -23.89 10.80 9.31
C LEU A 59 -24.01 11.89 10.36
N ALA A 60 -23.24 12.97 10.19
CA ALA A 60 -23.54 14.18 10.95
C ALA A 60 -24.92 14.69 10.56
N THR A 61 -25.59 15.34 11.51
CA THR A 61 -26.84 16.00 11.21
C THR A 61 -26.59 17.43 10.77
N GLU A 62 -27.59 18.00 10.09
CA GLU A 62 -27.49 19.41 9.71
C GLU A 62 -27.42 20.30 10.93
N GLU A 63 -28.12 19.92 12.00
CA GLU A 63 -28.06 20.69 13.25
C GLU A 63 -26.66 20.67 13.84
N GLU A 64 -25.97 19.53 13.71
CA GLU A 64 -24.58 19.44 14.16
C GLU A 64 -23.65 20.25 13.25
N LEU A 65 -23.85 20.19 11.92
CA LEU A 65 -23.04 21.02 11.03
C LEU A 65 -23.16 22.49 11.38
N ALA A 66 -24.33 22.89 11.85
CA ALA A 66 -24.59 24.28 12.19
C ALA A 66 -23.86 24.72 13.46
N LEU A 67 -23.21 23.81 14.17
CA LEU A 67 -22.33 24.20 15.25
C LEU A 67 -21.21 25.11 14.76
N CYS A 68 -20.75 24.90 13.52
CA CYS A 68 -19.65 25.69 12.96
C CYS A 68 -19.94 26.35 11.61
N HIS A 69 -20.94 25.90 10.87
CA HIS A 69 -21.12 26.35 9.49
C HIS A 69 -22.46 27.05 9.32
N SER A 70 -22.48 27.97 8.37
CA SER A 70 -23.70 28.70 8.05
C SER A 70 -24.71 27.80 7.35
N SER A 71 -25.99 28.17 7.45
CA SER A 71 -27.01 27.38 6.77
C SER A 71 -26.87 27.49 5.26
N LYS A 72 -26.39 28.64 4.77
CA LYS A 72 -26.11 28.77 3.34
C LYS A 72 -25.08 27.74 2.90
N HIS A 73 -23.96 27.64 3.62
CA HIS A 73 -22.92 26.71 3.21
C HIS A 73 -23.41 25.27 3.27
N ILE A 74 -24.16 24.92 4.32
CA ILE A 74 -24.70 23.56 4.44
C ILE A 74 -25.63 23.26 3.26
N SER A 75 -26.48 24.23 2.92
CA SER A 75 -27.47 23.99 1.86
CA SER A 75 -27.47 24.00 1.86
C SER A 75 -26.80 23.86 0.50
N ILE A 76 -25.74 24.64 0.24
CA ILE A 76 -25.08 24.57 -1.06
C ILE A 76 -24.37 23.23 -1.24
N ILE A 77 -23.63 22.79 -0.23
CA ILE A 77 -22.98 21.49 -0.35
C ILE A 77 -24.01 20.38 -0.43
N LYS A 78 -25.09 20.52 0.35
CA LYS A 78 -26.17 19.53 0.29
C LYS A 78 -26.75 19.43 -1.10
N SER A 79 -26.98 20.57 -1.75
CA SER A 79 -27.54 20.58 -3.08
C SER A 79 -26.68 19.86 -4.11
N SER A 80 -25.37 19.74 -3.87
CA SER A 80 -24.50 19.08 -4.84
C SER A 80 -24.79 17.59 -4.97
N GLU A 81 -25.53 16.98 -4.03
CA GLU A 81 -25.83 15.56 -4.15
C GLU A 81 -26.69 15.24 -5.36
N HIS A 82 -27.45 16.21 -5.87
CA HIS A 82 -28.39 15.99 -6.97
C HIS A 82 -27.99 16.75 -8.22
N MET A 83 -26.72 17.10 -8.33
CA MET A 83 -26.23 18.05 -9.31
C MET A 83 -25.67 17.25 -10.49
N LYS A 84 -25.93 17.74 -11.71
CA LYS A 84 -25.38 17.13 -12.92
C LYS A 84 -23.89 17.44 -13.04
N PRO A 85 -23.13 16.61 -13.77
CA PRO A 85 -21.67 16.81 -13.83
C PRO A 85 -21.22 18.22 -14.18
N ARG A 86 -21.82 18.85 -15.19
CA ARG A 86 -21.42 20.21 -15.53
C ARG A 86 -21.59 21.15 -14.34
N ASP A 87 -22.67 20.98 -13.57
CA ASP A 87 -22.91 21.84 -12.42
C ASP A 87 -21.98 21.49 -11.26
N LEU A 88 -21.66 20.20 -11.09
CA LEU A 88 -20.65 19.83 -10.10
C LEU A 88 -19.29 20.45 -10.44
N ASN A 89 -18.94 20.47 -11.72
CA ASN A 89 -17.67 21.07 -12.12
C ASN A 89 -17.68 22.56 -11.83
N ARG A 90 -18.79 23.23 -12.17
CA ARG A 90 -18.87 24.67 -11.98
C ARG A 90 -18.90 25.02 -10.50
N LEU A 91 -19.64 24.25 -9.69
CA LEU A 91 -19.69 24.54 -8.26
C LEU A 91 -18.31 24.37 -7.63
N GLY A 92 -17.62 23.28 -7.96
CA GLY A 92 -16.29 23.07 -7.45
C GLY A 92 -15.36 24.22 -7.77
N ASP A 93 -15.48 24.78 -8.98
CA ASP A 93 -14.59 25.85 -9.40
C ASP A 93 -14.89 27.18 -8.72
N GLU A 94 -15.98 27.28 -7.98
CA GLU A 94 -16.27 28.48 -7.20
C GLU A 94 -15.48 28.53 -5.90
N TYR A 95 -14.81 27.44 -5.53
CA TYR A 95 -13.99 27.36 -4.33
C TYR A 95 -12.52 27.25 -4.69
N ASN A 96 -11.69 27.50 -3.68
CA ASN A 96 -10.25 27.28 -3.79
C ASN A 96 -9.97 25.80 -3.59
N SER A 97 -9.57 25.10 -4.67
CA SER A 97 -9.06 23.72 -4.65
C SER A 97 -10.10 22.75 -4.07
N ILE A 98 -11.20 22.60 -4.81
CA ILE A 98 -12.29 21.69 -4.46
C ILE A 98 -12.72 20.93 -5.71
N PHE A 99 -12.88 19.62 -5.59
CA PHE A 99 -13.65 18.84 -6.55
C PHE A 99 -14.84 18.20 -5.84
N ILE A 100 -15.93 18.02 -6.59
CA ILE A 100 -17.17 17.52 -6.00
C ILE A 100 -17.74 16.43 -6.90
N SER A 101 -18.27 15.38 -6.27
CA SER A 101 -19.08 14.37 -6.91
C SER A 101 -20.42 14.27 -6.16
N ASN A 102 -21.34 13.46 -6.68
CA ASN A 102 -22.66 13.39 -6.05
C ASN A 102 -22.59 12.77 -4.66
N GLU A 103 -21.50 12.07 -4.33
CA GLU A 103 -21.32 11.42 -3.04
C GLU A 103 -20.55 12.26 -2.03
N SER A 104 -20.07 13.44 -2.44
CA SER A 104 -19.19 14.23 -1.58
C SER A 104 -19.87 14.66 -0.30
N TYR A 105 -21.11 15.18 -0.41
CA TYR A 105 -21.85 15.60 0.77
C TYR A 105 -21.96 14.46 1.79
N THR A 106 -22.44 13.30 1.34
CA THR A 106 -22.58 12.16 2.26
C THR A 106 -21.25 11.76 2.89
N CYS A 107 -20.17 11.75 2.12
CA CYS A 107 -18.88 11.39 2.69
C CYS A 107 -18.41 12.42 3.70
N ALA A 108 -18.61 13.70 3.43
CA ALA A 108 -18.27 14.71 4.43
C ALA A 108 -19.08 14.53 5.70
N LEU A 109 -20.37 14.21 5.56
CA LEU A 109 -21.20 13.91 6.72
C LEU A 109 -20.68 12.71 7.50
N LEU A 110 -20.23 11.69 6.77
CA LEU A 110 -19.71 10.48 7.41
C LEU A 110 -18.42 10.74 8.16
N ALA A 111 -17.53 11.56 7.57
CA ALA A 111 -16.29 11.87 8.26
C ALA A 111 -16.56 12.60 9.57
N ALA A 112 -17.48 13.57 9.56
CA ALA A 112 -17.78 14.31 10.78
C ALA A 112 -18.48 13.41 11.80
N GLY A 113 -19.51 12.69 11.38
CA GLY A 113 -20.25 11.84 12.31
C GLY A 113 -19.38 10.74 12.90
N SER A 114 -18.44 10.21 12.10
CA SER A 114 -17.51 9.22 12.63
C SER A 114 -16.69 9.80 13.77
N CYS A 115 -16.28 11.06 13.63
CA CYS A 115 -15.48 11.70 14.67
C CYS A 115 -16.32 12.07 15.88
N PHE A 116 -17.59 12.42 15.68
CA PHE A 116 -18.49 12.65 16.82
C PHE A 116 -18.64 11.36 17.63
N ASN A 117 -18.90 10.24 16.95
CA ASN A 117 -19.01 8.97 17.65
C ASN A 117 -17.73 8.65 18.40
N SER A 118 -16.58 8.96 17.81
CA SER A 118 -15.31 8.70 18.48
C SER A 118 -15.14 9.59 19.70
N ALA A 119 -15.43 10.88 19.57
CA ALA A 119 -15.35 11.77 20.73
C ALA A 119 -16.32 11.35 21.82
N GLN A 120 -17.52 10.93 21.43
CA GLN A 120 -18.50 10.44 22.42
C GLN A 120 -17.98 9.21 23.13
N ALA A 121 -17.36 8.28 22.38
CA ALA A 121 -16.83 7.07 23.01
C ALA A 121 -15.73 7.41 24.02
N ILE A 122 -14.91 8.42 23.72
CA ILE A 122 -13.88 8.85 24.66
C ILE A 122 -14.51 9.51 25.87
N LEU A 123 -15.44 10.44 25.65
CA LEU A 123 -15.96 11.25 26.75
C LEU A 123 -16.93 10.49 27.64
N THR A 124 -17.48 9.37 27.17
CA THR A 124 -18.25 8.47 28.03
C THR A 124 -17.39 7.39 28.68
N GLY A 125 -16.08 7.42 28.47
CA GLY A 125 -15.19 6.43 29.04
C GLY A 125 -15.29 5.05 28.42
N GLN A 126 -15.88 4.94 27.23
CA GLN A 126 -15.97 3.62 26.58
C GLN A 126 -14.65 3.22 25.96
N VAL A 127 -13.87 4.20 25.48
CA VAL A 127 -12.49 3.99 25.04
C VAL A 127 -11.65 5.08 25.67
N ARG A 128 -10.35 4.79 25.79
CA ARG A 128 -9.41 5.80 26.28
C ARG A 128 -9.09 6.84 25.21
N ASN A 129 -8.95 6.38 23.97
CA ASN A 129 -8.48 7.22 22.89
C ASN A 129 -8.98 6.59 21.60
N ALA A 130 -8.73 7.24 20.47
CA ALA A 130 -9.30 6.72 19.23
C ALA A 130 -8.60 7.31 18.02
N VAL A 131 -8.70 6.59 16.90
CA VAL A 131 -8.15 7.03 15.62
C VAL A 131 -9.28 7.04 14.62
N ALA A 132 -9.33 8.06 13.77
CA ALA A 132 -10.41 8.23 12.81
C ALA A 132 -9.84 8.30 11.40
N ILE A 133 -10.09 7.25 10.61
CA ILE A 133 -9.51 7.11 9.26
C ILE A 133 -10.60 7.59 8.30
N VAL A 134 -10.66 8.90 8.09
CA VAL A 134 -11.78 9.55 7.41
C VAL A 134 -11.31 10.43 6.26
N ARG A 135 -12.22 10.64 5.32
CA ARG A 135 -12.05 11.59 4.23
C ARG A 135 -13.44 11.94 3.71
N PRO A 136 -13.60 13.10 3.03
CA PRO A 136 -12.60 14.16 2.75
C PRO A 136 -12.13 14.86 4.03
N PRO A 137 -11.00 15.55 3.97
CA PRO A 137 -10.47 16.23 5.17
C PRO A 137 -11.29 17.45 5.57
N GLY A 138 -10.88 18.14 6.62
CA GLY A 138 -11.71 19.21 7.14
C GLY A 138 -11.10 20.56 7.46
N HIS A 139 -9.79 20.63 7.74
CA HIS A 139 -9.30 21.80 8.48
C HIS A 139 -9.20 23.09 7.65
N HIS A 140 -9.29 23.02 6.33
CA HIS A 140 -9.38 24.25 5.53
C HIS A 140 -10.80 24.78 5.41
N ALA A 141 -11.82 23.99 5.73
CA ALA A 141 -13.19 24.44 5.54
C ALA A 141 -13.53 25.54 6.53
N GLU A 142 -14.16 26.60 6.02
CA GLU A 142 -14.54 27.77 6.81
C GLU A 142 -16.01 27.68 7.19
N LYS A 143 -16.43 28.63 8.06
CA LYS A 143 -17.85 28.71 8.41
C LYS A 143 -18.72 28.76 7.17
N ASP A 144 -18.34 29.56 6.17
CA ASP A 144 -19.19 29.86 5.04
C ASP A 144 -18.75 29.22 3.73
N THR A 145 -17.67 28.46 3.70
CA THR A 145 -17.18 28.00 2.41
C THR A 145 -16.29 26.77 2.53
N ALA A 146 -16.26 25.98 1.45
CA ALA A 146 -15.33 24.86 1.31
C ALA A 146 -13.99 25.37 0.78
N CYS A 147 -12.93 24.62 1.08
CA CYS A 147 -11.59 25.05 0.67
C CYS A 147 -10.63 23.88 0.79
N GLY A 148 -9.69 23.79 -0.15
CA GLY A 148 -8.57 22.88 -0.02
C GLY A 148 -8.92 21.43 0.26
N PHE A 149 -9.82 20.87 -0.55
CA PHE A 149 -10.29 19.48 -0.49
C PHE A 149 -11.23 19.22 0.68
N CYS A 150 -11.61 20.27 1.44
CA CYS A 150 -12.40 20.14 2.67
C CYS A 150 -13.76 20.81 2.51
N PHE A 151 -14.82 20.12 2.92
CA PHE A 151 -16.17 20.68 2.85
C PHE A 151 -16.68 21.20 4.19
N PHE A 152 -16.57 20.41 5.25
CA PHE A 152 -16.98 20.81 6.58
C PHE A 152 -15.80 20.57 7.51
N ASN A 153 -15.68 21.38 8.55
CA ASN A 153 -14.47 21.35 9.36
C ASN A 153 -14.66 20.30 10.44
N THR A 154 -14.29 19.07 10.10
CA THR A 154 -14.52 17.92 10.97
C THR A 154 -13.96 18.12 12.37
N ALA A 155 -12.71 18.56 12.48
CA ALA A 155 -12.11 18.69 13.81
C ALA A 155 -12.77 19.81 14.61
N ALA A 156 -13.11 20.92 13.95
CA ALA A 156 -13.78 22.02 14.65
C ALA A 156 -15.17 21.61 15.09
N LEU A 157 -15.90 20.93 14.22
CA LEU A 157 -17.21 20.40 14.58
C LEU A 157 -17.12 19.40 15.72
N THR A 158 -16.07 18.58 15.73
CA THR A 158 -15.93 17.58 16.81
C THR A 158 -15.65 18.28 18.14
N ALA A 159 -14.89 19.38 18.11
CA ALA A 159 -14.70 20.16 19.33
C ALA A 159 -16.02 20.71 19.86
N ARG A 160 -16.83 21.30 18.98
CA ARG A 160 -18.14 21.82 19.40
C ARG A 160 -19.09 20.69 19.79
N TYR A 161 -19.04 19.57 19.06
CA TYR A 161 -19.87 18.44 19.45
C TYR A 161 -19.50 17.96 20.86
N ALA A 162 -18.20 17.84 21.14
CA ALA A 162 -17.77 17.41 22.47
C ALA A 162 -18.30 18.33 23.56
N GLN A 163 -18.22 19.65 23.33
CA GLN A 163 -18.77 20.60 24.27
C GLN A 163 -20.27 20.44 24.41
N SER A 164 -20.95 20.06 23.33
CA SER A 164 -22.40 19.94 23.36
C SER A 164 -22.88 18.76 24.21
N ILE A 165 -22.05 17.74 24.41
CA ILE A 165 -22.43 16.60 25.23
C ILE A 165 -21.73 16.60 26.57
N THR A 166 -20.93 17.61 26.88
CA THR A 166 -20.31 17.66 28.20
C THR A 166 -20.69 18.97 28.87
N ARG A 167 -19.84 20.00 28.76
CA ARG A 167 -20.25 21.34 29.10
C ARG A 167 -19.72 22.30 28.04
N GLU A 168 -20.42 23.43 27.89
CA GLU A 168 -20.14 24.35 26.79
C GLU A 168 -18.70 24.84 26.80
N SER A 169 -18.09 24.96 27.98
CA SER A 169 -16.73 25.48 28.09
C SER A 169 -15.68 24.38 28.23
N LEU A 170 -16.00 23.15 27.84
CA LEU A 170 -15.00 22.08 27.87
C LEU A 170 -13.75 22.52 27.13
N ARG A 171 -12.60 22.35 27.76
CA ARG A 171 -11.33 22.80 27.20
C ARG A 171 -10.86 21.74 26.20
N VAL A 172 -10.86 22.11 24.92
CA VAL A 172 -10.45 21.21 23.85
C VAL A 172 -9.19 21.80 23.24
N LEU A 173 -8.13 21.00 23.19
CA LEU A 173 -6.92 21.38 22.45
C LEU A 173 -6.99 20.72 21.09
N ILE A 174 -6.77 21.51 20.03
CA ILE A 174 -6.61 20.95 18.69
C ILE A 174 -5.17 21.18 18.27
N VAL A 175 -4.43 20.09 18.09
CA VAL A 175 -3.08 20.14 17.54
C VAL A 175 -3.18 19.77 16.08
N ASP A 176 -2.75 20.67 15.20
CA ASP A 176 -2.88 20.49 13.76
C ASP A 176 -1.46 20.33 13.20
N TRP A 177 -1.06 19.08 12.94
CA TRP A 177 0.27 18.83 12.40
C TRP A 177 0.28 18.48 10.92
N ASP A 178 -0.88 18.53 10.25
CA ASP A 178 -0.92 18.62 8.79
C ASP A 178 0.06 19.70 8.34
N VAL A 179 0.73 19.47 7.20
CA VAL A 179 1.77 20.42 6.77
C VAL A 179 1.18 21.79 6.41
N HIS A 180 -0.13 21.86 6.19
CA HIS A 180 -0.76 23.12 5.83
C HIS A 180 -1.42 23.74 7.05
N HIS A 181 -1.50 25.07 7.04
CA HIS A 181 -2.24 25.78 8.08
C HIS A 181 -3.72 25.42 7.99
N GLY A 182 -4.34 25.17 9.15
CA GLY A 182 -5.77 24.99 9.14
C GLY A 182 -6.48 26.34 9.25
N ASN A 183 -6.61 27.05 8.14
CA ASN A 183 -7.21 28.39 8.16
C ASN A 183 -8.61 28.35 8.76
N GLY A 184 -9.38 27.32 8.41
CA GLY A 184 -10.76 27.26 8.87
C GLY A 184 -10.85 27.03 10.38
N THR A 185 -10.01 26.13 10.90
CA THR A 185 -10.00 25.91 12.34
C THR A 185 -9.56 27.17 13.09
N GLN A 186 -8.49 27.82 12.64
CA GLN A 186 -8.08 29.06 13.29
C GLN A 186 -9.23 30.06 13.35
N HIS A 187 -9.86 30.31 12.19
CA HIS A 187 -10.90 31.33 12.13
C HIS A 187 -12.10 30.95 13.02
N ILE A 188 -12.50 29.68 13.00
CA ILE A 188 -13.69 29.27 13.74
C ILE A 188 -13.51 29.57 15.23
N PHE A 189 -12.31 29.37 15.75
CA PHE A 189 -12.08 29.51 17.19
C PHE A 189 -11.24 30.74 17.54
N GLU A 190 -11.05 31.68 16.61
CA GLU A 190 -10.05 32.72 16.87
C GLU A 190 -10.45 33.60 18.04
N GLU A 191 -11.75 33.76 18.30
CA GLU A 191 -12.24 34.55 19.43
C GLU A 191 -12.63 33.71 20.62
N ASP A 192 -12.10 32.49 20.75
CA ASP A 192 -12.57 31.51 21.71
C ASP A 192 -11.43 31.07 22.61
N ASP A 193 -11.65 31.12 23.93
CA ASP A 193 -10.65 30.65 24.88
C ASP A 193 -10.89 29.20 25.31
N SER A 194 -12.01 28.60 24.90
CA SER A 194 -12.29 27.22 25.28
C SER A 194 -11.66 26.21 24.31
N VAL A 195 -11.24 26.65 23.13
CA VAL A 195 -10.61 25.76 22.16
C VAL A 195 -9.26 26.37 21.83
N LEU A 196 -8.20 25.70 22.27
CA LEU A 196 -6.83 26.11 21.98
C LEU A 196 -6.40 25.49 20.66
N TYR A 197 -6.09 26.33 19.68
CA TYR A 197 -5.65 25.86 18.37
C TYR A 197 -4.14 26.02 18.26
N ILE A 198 -3.43 24.92 18.02
CA ILE A 198 -1.99 24.96 17.79
C ILE A 198 -1.72 24.31 16.45
N SER A 199 -1.16 25.09 15.52
CA SER A 199 -0.81 24.58 14.20
C SER A 199 0.69 24.70 13.96
N LEU A 200 1.27 23.64 13.45
CA LEU A 200 2.59 23.67 12.82
C LEU A 200 2.38 23.51 11.33
N HIS A 201 3.08 24.32 10.53
CA HIS A 201 2.80 24.31 9.10
C HIS A 201 3.93 24.94 8.31
N ARG A 202 4.13 24.43 7.09
CA ARG A 202 4.94 25.13 6.12
C ARG A 202 4.25 26.42 5.73
N TYR A 203 4.99 27.53 5.81
CA TYR A 203 4.44 28.86 5.63
C TYR A 203 5.10 29.59 4.46
N GLU A 204 6.44 29.64 4.43
CA GLU A 204 7.19 30.29 3.37
C GLU A 204 6.73 31.73 3.15
N ASP A 205 6.64 32.47 4.26
CA ASP A 205 6.26 33.88 4.22
C ASP A 205 4.93 34.10 3.48
N GLY A 206 4.02 33.14 3.58
CA GLY A 206 2.72 33.23 2.96
C GLY A 206 2.61 32.64 1.57
N ALA A 207 3.70 32.09 1.02
CA ALA A 207 3.68 31.59 -0.35
C ALA A 207 3.10 30.17 -0.44
N PHE A 208 3.07 29.45 0.67
CA PHE A 208 2.60 28.07 0.66
C PHE A 208 1.12 28.02 0.95
N PHE A 209 0.41 27.11 0.28
CA PHE A 209 -1.02 26.95 0.50
C PHE A 209 -1.32 26.85 2.00
N PRO A 210 -2.33 27.56 2.51
CA PRO A 210 -3.38 28.31 1.80
C PRO A 210 -3.09 29.79 1.54
N ASN A 211 -1.82 30.19 1.55
CA ASN A 211 -1.37 31.43 0.92
C ASN A 211 -1.86 32.69 1.64
N SER A 212 -2.04 32.61 2.96
CA SER A 212 -2.49 33.74 3.75
C SER A 212 -1.54 34.01 4.90
N GLU A 213 -1.27 35.30 5.17
CA GLU A 213 -0.47 35.64 6.33
C GLU A 213 -1.23 35.44 7.64
N ASP A 214 -2.51 35.05 7.59
CA ASP A 214 -3.20 34.56 8.79
C ASP A 214 -2.42 33.45 9.48
N ALA A 215 -1.54 32.75 8.76
CA ALA A 215 -0.83 31.61 9.32
C ALA A 215 0.44 32.01 10.06
N ASN A 216 0.78 33.30 10.12
CA ASN A 216 2.04 33.68 10.73
C ASN A 216 1.95 33.61 12.24
N TYR A 217 3.12 33.59 12.90
CA TYR A 217 3.21 33.42 14.34
C TYR A 217 2.58 34.57 15.13
N ASP A 218 2.38 35.73 14.50
CA ASP A 218 1.86 36.88 15.24
C ASP A 218 0.34 36.91 15.34
N LYS A 219 -0.34 35.91 14.79
CA LYS A 219 -1.79 35.81 14.93
C LYS A 219 -2.04 34.99 16.19
N VAL A 220 -2.32 35.67 17.30
CA VAL A 220 -2.39 35.00 18.60
C VAL A 220 -3.80 34.85 19.12
N GLY A 221 -4.80 35.27 18.37
CA GLY A 221 -6.17 35.19 18.80
C GLY A 221 -6.74 36.58 19.10
N LEU A 222 -8.07 36.63 19.13
CA LEU A 222 -8.81 37.88 19.25
C LEU A 222 -9.76 37.83 20.43
N GLY A 223 -10.00 38.99 21.03
CA GLY A 223 -10.98 39.06 22.12
C GLY A 223 -10.60 38.13 23.26
N LYS A 224 -11.59 37.41 23.79
CA LYS A 224 -11.30 36.51 24.89
C LYS A 224 -10.39 35.37 24.46
N GLY A 225 -10.22 35.16 23.15
CA GLY A 225 -9.29 34.21 22.57
C GLY A 225 -7.86 34.69 22.43
N ARG A 226 -7.53 35.88 22.89
CA ARG A 226 -6.15 36.37 22.81
C ARG A 226 -5.23 35.41 23.56
N GLY A 227 -4.29 34.78 22.85
CA GLY A 227 -3.37 33.81 23.42
C GLY A 227 -3.73 32.36 23.14
N TYR A 228 -4.91 32.09 22.60
CA TYR A 228 -5.39 30.73 22.39
C TYR A 228 -5.34 30.31 20.94
N ASN A 229 -4.51 31.01 20.14
CA ASN A 229 -4.19 30.60 18.78
C ASN A 229 -2.67 30.65 18.64
N VAL A 230 -2.06 29.50 18.34
CA VAL A 230 -0.61 29.36 18.29
C VAL A 230 -0.23 28.83 16.92
N ASN A 231 0.38 29.68 16.09
CA ASN A 231 0.86 29.33 14.77
C ASN A 231 2.37 29.15 14.82
N ILE A 232 2.85 28.00 14.35
CA ILE A 232 4.28 27.70 14.33
C ILE A 232 4.64 27.54 12.85
N PRO A 233 5.07 28.63 12.19
CA PRO A 233 5.28 28.60 10.73
C PRO A 233 6.72 28.29 10.37
N TRP A 234 6.89 27.39 9.39
CA TRP A 234 8.21 27.01 8.89
C TRP A 234 8.53 27.77 7.61
N ASN A 235 9.76 28.25 7.49
CA ASN A 235 10.23 28.94 6.31
C ASN A 235 11.57 28.40 5.85
N GLY A 236 11.74 28.27 4.54
CA GLY A 236 13.03 28.11 3.92
C GLY A 236 13.80 26.84 4.22
N GLY A 237 13.14 25.77 4.61
CA GLY A 237 13.86 24.56 4.93
C GLY A 237 12.99 23.33 4.82
N LYS A 238 13.63 22.20 4.53
CA LYS A 238 12.97 20.89 4.52
CA LYS A 238 12.96 20.89 4.51
C LYS A 238 12.92 20.38 5.94
N MET A 239 11.81 20.65 6.62
CA MET A 239 11.71 20.34 8.03
C MET A 239 11.42 18.86 8.26
N GLY A 240 11.84 18.36 9.41
CA GLY A 240 11.64 16.96 9.75
C GLY A 240 11.54 16.73 11.24
N ASP A 241 11.89 15.52 11.67
CA ASP A 241 11.76 15.15 13.08
C ASP A 241 12.44 16.12 14.04
N PRO A 242 13.68 16.58 13.81
CA PRO A 242 14.28 17.48 14.82
C PRO A 242 13.49 18.75 15.02
N GLU A 243 12.98 19.33 13.94
CA GLU A 243 12.22 20.57 14.05
C GLU A 243 10.89 20.34 14.76
N TYR A 244 10.22 19.24 14.44
CA TYR A 244 8.93 18.97 15.06
C TYR A 244 9.09 18.59 16.54
N MET A 245 10.11 17.79 16.87
CA MET A 245 10.41 17.47 18.27
C MET A 245 10.76 18.72 19.06
N ALA A 246 11.55 19.62 18.47
CA ALA A 246 11.91 20.86 19.15
C ALA A 246 10.69 21.75 19.35
N ALA A 247 9.81 21.82 18.36
CA ALA A 247 8.62 22.65 18.49
C ALA A 247 7.69 22.10 19.58
N PHE A 248 7.58 20.77 19.68
CA PHE A 248 6.78 20.18 20.76
C PHE A 248 7.41 20.46 22.11
N HIS A 249 8.74 20.36 22.18
CA HIS A 249 9.46 20.54 23.45
C HIS A 249 9.34 21.96 23.98
N HIS A 250 9.58 22.95 23.13
CA HIS A 250 9.61 24.34 23.57
C HIS A 250 8.26 25.02 23.53
N LEU A 251 7.29 24.50 22.77
CA LEU A 251 6.08 25.26 22.52
C LEU A 251 4.81 24.46 22.74
N VAL A 252 4.60 23.40 21.95
CA VAL A 252 3.34 22.67 21.99
C VAL A 252 3.07 22.12 23.39
N MET A 253 4.05 21.44 23.97
CA MET A 253 3.73 20.73 25.19
C MET A 253 3.68 21.66 26.40
N PRO A 254 4.58 22.65 26.54
CA PRO A 254 4.41 23.60 27.66
C PRO A 254 3.10 24.34 27.61
N ILE A 255 2.70 24.81 26.43
CA ILE A 255 1.41 25.51 26.30
C ILE A 255 0.26 24.56 26.62
N ALA A 256 0.29 23.37 26.03
CA ALA A 256 -0.79 22.41 26.24
C ALA A 256 -0.94 22.05 27.71
N ARG A 257 0.17 21.84 28.41
CA ARG A 257 0.07 21.47 29.82
C ARG A 257 -0.53 22.60 30.64
N GLU A 258 -0.17 23.84 30.31
CA GLU A 258 -0.70 24.99 31.03
C GLU A 258 -2.19 25.17 30.76
N PHE A 259 -2.62 24.95 29.51
CA PHE A 259 -4.03 25.00 29.14
C PHE A 259 -4.84 23.91 29.85
N ALA A 260 -4.22 22.77 30.13
CA ALA A 260 -4.86 21.63 30.80
C ALA A 260 -6.13 21.20 30.06
N PRO A 261 -6.00 20.71 28.83
CA PRO A 261 -7.20 20.34 28.07
C PRO A 261 -7.94 19.17 28.72
N GLU A 262 -9.25 19.13 28.49
CA GLU A 262 -10.04 17.98 28.87
C GLU A 262 -10.26 17.00 27.71
N LEU A 263 -9.85 17.38 26.51
CA LEU A 263 -9.92 16.53 25.33
C LEU A 263 -8.89 17.06 24.33
N VAL A 264 -8.13 16.16 23.72
CA VAL A 264 -7.19 16.50 22.67
C VAL A 264 -7.70 15.95 21.35
N LEU A 265 -7.85 16.81 20.36
CA LEU A 265 -8.07 16.39 18.98
C LEU A 265 -6.81 16.67 18.18
N VAL A 266 -6.40 15.70 17.37
CA VAL A 266 -5.29 15.91 16.45
C VAL A 266 -5.85 16.01 15.05
N SER A 267 -5.65 17.17 14.43
CA SER A 267 -5.83 17.33 12.99
C SER A 267 -4.58 16.72 12.36
N ALA A 268 -4.66 15.41 12.11
CA ALA A 268 -3.50 14.60 11.81
C ALA A 268 -3.42 14.42 10.29
N GLY A 269 -2.94 15.45 9.62
CA GLY A 269 -2.50 15.25 8.26
C GLY A 269 -1.12 14.62 8.25
N PHE A 270 -0.84 13.83 7.21
CA PHE A 270 0.46 13.19 7.14
C PHE A 270 1.19 13.64 5.89
N ASP A 271 0.95 14.89 5.47
CA ASP A 271 1.63 15.46 4.31
C ASP A 271 2.91 16.21 4.68
N ALA A 272 3.31 16.25 5.94
CA ALA A 272 4.68 16.60 6.29
C ALA A 272 5.60 15.39 6.28
N ALA A 273 5.09 14.24 5.87
CA ALA A 273 5.87 13.02 5.93
C ALA A 273 6.86 12.98 4.77
N ARG A 274 7.99 12.34 5.02
CA ARG A 274 8.92 12.01 3.95
C ARG A 274 8.17 11.27 2.84
N GLY A 275 8.41 11.68 1.60
CA GLY A 275 7.75 11.07 0.45
C GLY A 275 6.52 11.80 -0.05
N ASP A 276 5.96 12.74 0.72
CA ASP A 276 4.72 13.38 0.28
C ASP A 276 4.97 14.22 -0.97
N PRO A 277 4.11 14.12 -2.00
CA PRO A 277 4.33 14.89 -3.23
C PRO A 277 4.03 16.39 -3.11
N LEU A 278 3.38 16.81 -2.04
CA LEU A 278 2.95 18.20 -1.88
C LEU A 278 3.62 18.94 -0.73
N GLY A 279 3.99 18.25 0.34
CA GLY A 279 4.50 18.91 1.53
C GLY A 279 5.96 19.29 1.46
N GLY A 280 6.78 18.44 0.85
CA GLY A 280 8.20 18.74 0.75
C GLY A 280 9.00 18.59 2.03
N PHE A 281 8.41 18.01 3.10
CA PHE A 281 9.08 17.81 4.37
C PHE A 281 9.49 16.35 4.55
N GLN A 282 10.06 16.04 5.72
CA GLN A 282 10.62 14.70 5.90
C GLN A 282 10.41 14.15 7.31
N VAL A 283 9.28 14.48 7.95
CA VAL A 283 8.92 13.83 9.21
C VAL A 283 8.74 12.33 8.94
N THR A 284 9.24 11.49 9.87
CA THR A 284 9.20 10.04 9.71
C THR A 284 8.03 9.43 10.48
N PRO A 285 7.66 8.18 10.16
CA PRO A 285 6.63 7.52 10.97
C PRO A 285 7.02 7.44 12.44
N GLU A 286 8.31 7.23 12.71
CA GLU A 286 8.78 7.25 14.08
C GLU A 286 8.58 8.62 14.72
N GLY A 287 8.78 9.68 13.94
CA GLY A 287 8.51 11.02 14.47
C GLY A 287 7.06 11.19 14.86
N TYR A 288 6.15 10.76 13.98
CA TYR A 288 4.72 10.89 14.28
C TYR A 288 4.35 10.08 15.52
N ALA A 289 4.94 8.90 15.69
CA ALA A 289 4.70 8.14 16.91
C ALA A 289 5.12 8.93 18.14
N HIS A 290 6.26 9.63 18.07
CA HIS A 290 6.72 10.36 19.24
C HIS A 290 5.82 11.56 19.53
N LEU A 291 5.36 12.28 18.50
CA LEU A 291 4.40 13.36 18.75
C LEU A 291 3.13 12.82 19.39
N THR A 292 2.62 11.69 18.89
CA THR A 292 1.42 11.09 19.48
C THR A 292 1.64 10.74 20.94
N HIS A 293 2.77 10.08 21.23
CA HIS A 293 3.06 9.67 22.61
C HIS A 293 3.14 10.87 23.55
N GLN A 294 3.71 11.99 23.09
CA GLN A 294 3.74 13.19 23.91
C GLN A 294 2.33 13.70 24.17
N LEU A 295 1.48 13.72 23.15
CA LEU A 295 0.12 14.23 23.36
C LEU A 295 -0.67 13.34 24.29
N MET A 296 -0.31 12.05 24.37
CA MET A 296 -1.03 11.13 25.22
C MET A 296 -0.88 11.47 26.70
N SER A 297 0.08 12.33 27.05
CA SER A 297 0.28 12.76 28.42
C SER A 297 -0.72 13.82 28.85
N LEU A 298 -1.54 14.30 27.94
CA LEU A 298 -2.51 15.36 28.19
C LEU A 298 -3.91 14.80 28.35
N ALA A 299 -4.76 15.54 29.08
CA ALA A 299 -6.19 15.26 29.13
C ALA A 299 -6.50 13.86 29.63
N ALA A 300 -5.65 13.34 30.51
CA ALA A 300 -5.80 11.98 31.03
C ALA A 300 -5.81 10.95 29.90
N GLY A 301 -5.10 11.24 28.82
CA GLY A 301 -4.99 10.34 27.70
C GLY A 301 -6.09 10.45 26.66
N ARG A 302 -7.08 11.33 26.86
CA ARG A 302 -8.18 11.48 25.94
C ARG A 302 -7.75 12.13 24.62
N VAL A 303 -7.29 11.32 23.68
CA VAL A 303 -6.74 11.79 22.41
C VAL A 303 -7.55 11.17 21.28
N LEU A 304 -8.01 12.00 20.35
CA LEU A 304 -8.66 11.53 19.12
C LEU A 304 -7.83 11.99 17.93
N ILE A 305 -7.33 11.04 17.15
CA ILE A 305 -6.47 11.33 16.01
C ILE A 305 -7.33 11.32 14.75
N ILE A 306 -7.41 12.45 14.05
CA ILE A 306 -8.33 12.64 12.92
C ILE A 306 -7.52 12.84 11.66
N LEU A 307 -7.68 11.94 10.68
CA LEU A 307 -6.96 12.08 9.40
C LEU A 307 -7.34 13.38 8.72
N GLU A 308 -6.33 14.17 8.34
CA GLU A 308 -6.54 15.33 7.48
C GLU A 308 -5.91 15.05 6.12
N GLY A 309 -4.85 15.79 5.76
CA GLY A 309 -4.15 15.56 4.51
C GLY A 309 -3.13 14.44 4.60
N GLY A 310 -2.24 14.42 3.60
CA GLY A 310 -1.29 13.33 3.45
C GLY A 310 -1.55 12.54 2.17
N TYR A 311 -0.59 12.57 1.23
CA TYR A 311 -0.89 12.12 -0.13
C TYR A 311 0.09 11.11 -0.71
N ASN A 312 1.12 10.70 0.01
CA ASN A 312 1.89 9.52 -0.37
C ASN A 312 1.26 8.33 0.35
N LEU A 313 0.64 7.43 -0.44
CA LEU A 313 -0.18 6.38 0.18
C LEU A 313 0.65 5.51 1.12
N THR A 314 1.88 5.18 0.74
CA THR A 314 2.72 4.38 1.63
C THR A 314 3.10 5.18 2.89
N SER A 315 3.45 6.46 2.73
CA SER A 315 3.86 7.26 3.88
CA SER A 315 3.86 7.26 3.88
C SER A 315 2.70 7.45 4.88
N ILE A 316 1.50 7.75 4.39
CA ILE A 316 0.42 8.00 5.33
C ILE A 316 -0.01 6.71 6.01
N SER A 317 0.13 5.58 5.31
CA SER A 317 -0.25 4.31 5.92
C SER A 317 0.70 3.92 7.04
N GLU A 318 2.01 4.01 6.80
CA GLU A 318 2.96 3.74 7.87
C GLU A 318 2.87 4.75 8.99
N SER A 319 2.62 6.02 8.65
CA SER A 319 2.67 7.06 9.67
C SER A 319 1.46 6.96 10.59
N MET A 320 0.28 6.81 10.04
CA MET A 320 -0.85 6.81 10.96
C MET A 320 -0.95 5.49 11.71
N SER A 321 -0.48 4.37 11.12
CA SER A 321 -0.43 3.11 11.85
CA SER A 321 -0.46 3.13 11.86
C SER A 321 0.49 3.21 13.07
N MET A 322 1.61 3.90 12.91
CA MET A 322 2.51 4.10 14.04
C MET A 322 1.85 4.93 15.12
N CYS A 323 1.03 5.90 14.74
CA CYS A 323 0.27 6.66 15.74
C CYS A 323 -0.71 5.78 16.50
N THR A 324 -1.42 4.90 15.79
CA THR A 324 -2.35 4.00 16.47
C THR A 324 -1.61 3.06 17.42
N SER A 325 -0.43 2.61 17.00
CA SER A 325 0.37 1.74 17.85
C SER A 325 0.70 2.46 19.15
N MET A 326 0.91 3.78 19.06
CA MET A 326 1.22 4.56 20.24
C MET A 326 0.00 4.63 21.16
N LEU A 327 -1.18 4.91 20.57
CA LEU A 327 -2.43 4.94 21.32
C LEU A 327 -2.72 3.63 22.03
N LEU A 328 -2.31 2.51 21.42
CA LEU A 328 -2.54 1.20 22.01
C LEU A 328 -1.62 0.91 23.19
N GLY A 329 -0.63 1.76 23.43
CA GLY A 329 0.30 1.59 24.52
C GLY A 329 1.66 1.01 24.15
N ASP A 330 1.98 0.89 22.87
CA ASP A 330 3.25 0.29 22.51
C ASP A 330 4.40 1.26 22.82
N SER A 331 5.59 0.68 22.99
CA SER A 331 6.76 1.50 23.32
C SER A 331 7.10 2.41 22.15
N PRO A 332 7.47 3.66 22.41
CA PRO A 332 7.88 4.56 21.32
C PRO A 332 9.07 3.99 20.58
N PRO A 333 9.07 4.07 19.26
CA PRO A 333 10.18 3.51 18.49
C PRO A 333 11.43 4.33 18.69
N SER A 334 12.56 3.76 18.28
CA SER A 334 13.81 4.50 18.35
C SER A 334 13.85 5.57 17.27
N LEU A 335 14.36 6.74 17.63
CA LEU A 335 14.51 7.88 16.73
C LEU A 335 16.00 8.10 16.47
N ASP A 336 16.37 8.24 15.20
CA ASP A 336 17.73 8.63 14.84
C ASP A 336 18.03 10.03 15.35
N THR A 339 20.24 15.68 15.62
CA THR A 339 20.66 16.59 14.56
C THR A 339 20.22 18.02 14.86
N PRO A 340 21.14 18.98 14.75
CA PRO A 340 20.79 20.38 15.04
C PRO A 340 19.73 20.90 14.09
N LEU A 341 18.92 21.82 14.60
CA LEU A 341 17.81 22.34 13.80
C LEU A 341 18.32 23.12 12.60
N LYS A 342 17.52 23.12 11.53
CA LYS A 342 17.71 24.12 10.50
C LYS A 342 17.63 25.50 11.14
N THR A 343 18.53 26.39 10.73
CA THR A 343 18.62 27.72 11.33
C THR A 343 17.27 28.44 11.32
N SER A 344 16.53 28.36 10.20
CA SER A 344 15.26 29.08 10.16
C SER A 344 14.24 28.49 11.12
N ALA A 345 14.38 27.21 11.47
CA ALA A 345 13.47 26.60 12.43
C ALA A 345 13.73 27.12 13.84
N THR A 346 14.99 27.39 14.17
CA THR A 346 15.29 28.08 15.41
C THR A 346 14.65 29.45 15.44
N VAL A 347 14.71 30.16 14.32
CA VAL A 347 14.11 31.49 14.23
C VAL A 347 12.61 31.40 14.37
N SER A 348 11.99 30.40 13.73
CA SER A 348 10.55 30.24 13.84
C SER A 348 10.13 30.00 15.29
N ILE A 349 10.79 29.04 15.95
CA ILE A 349 10.43 28.74 17.34
C ILE A 349 10.61 29.98 18.22
N ASN A 350 11.72 30.71 18.03
CA ASN A 350 11.94 31.90 18.86
C ASN A 350 10.90 32.97 18.59
N ASN A 351 10.46 33.10 17.33
CA ASN A 351 9.41 34.07 17.01
C ASN A 351 8.11 33.73 17.71
N VAL A 352 7.77 32.43 17.77
CA VAL A 352 6.55 32.03 18.47
C VAL A 352 6.70 32.28 19.96
N LEU A 353 7.88 32.00 20.52
CA LEU A 353 8.12 32.29 21.95
C LEU A 353 7.97 33.77 22.25
N ARG A 354 8.47 34.62 21.38
CA ARG A 354 8.28 36.05 21.59
C ARG A 354 6.80 36.41 21.54
N ALA A 355 6.05 35.81 20.62
CA ALA A 355 4.63 36.13 20.48
C ALA A 355 3.79 35.61 21.64
N HIS A 356 4.18 34.49 22.26
CA HIS A 356 3.27 33.87 23.21
C HIS A 356 3.74 33.88 24.65
N ALA A 357 5.02 34.17 24.92
CA ALA A 357 5.46 34.28 26.30
C ALA A 357 4.65 35.29 27.10
N PRO A 358 4.11 36.38 26.53
CA PRO A 358 3.21 37.22 27.33
C PRO A 358 1.95 36.50 27.78
N PHE A 359 1.49 35.47 27.08
CA PHE A 359 0.24 34.80 27.45
C PHE A 359 0.43 33.53 28.27
N TRP A 360 1.58 32.89 28.21
CA TRP A 360 1.77 31.58 28.81
C TRP A 360 2.94 31.64 29.79
N SER A 361 2.65 31.46 31.08
CA SER A 361 3.70 31.57 32.09
C SER A 361 4.74 30.48 31.93
N SER A 362 4.36 29.34 31.33
CA SER A 362 5.31 28.27 31.08
C SER A 362 6.36 28.65 30.04
N LEU A 363 6.19 29.75 29.32
CA LEU A 363 7.17 30.16 28.33
C LEU A 363 8.01 31.32 28.87
N PRO B 8 17.68 0.38 -24.75
CA PRO B 8 17.81 -0.32 -23.48
C PRO B 8 16.55 -0.12 -22.65
N ILE B 9 15.44 -0.67 -23.13
CA ILE B 9 14.11 -0.36 -22.62
C ILE B 9 13.59 -1.54 -21.79
N THR B 10 12.91 -1.22 -20.69
CA THR B 10 12.21 -2.21 -19.88
C THR B 10 10.71 -2.06 -20.13
N GLY B 11 10.06 -3.16 -20.45
CA GLY B 11 8.62 -3.17 -20.62
C GLY B 11 7.90 -3.48 -19.32
N LEU B 12 6.66 -2.99 -19.23
CA LEU B 12 5.81 -3.26 -18.08
C LEU B 12 4.40 -3.47 -18.58
N VAL B 13 3.76 -4.56 -18.16
CA VAL B 13 2.37 -4.79 -18.55
C VAL B 13 1.52 -4.83 -17.28
N TYR B 14 0.43 -4.08 -17.29
CA TYR B 14 -0.53 -4.05 -16.20
C TYR B 14 -1.87 -3.63 -16.79
N ASP B 15 -2.93 -4.32 -16.39
CA ASP B 15 -4.28 -3.99 -16.84
C ASP B 15 -5.23 -4.21 -15.67
N GLN B 16 -5.97 -3.16 -15.32
CA GLN B 16 -6.84 -3.20 -14.13
C GLN B 16 -8.00 -4.16 -14.30
N ARG B 17 -8.30 -4.58 -15.54
CA ARG B 17 -9.34 -5.57 -15.77
C ARG B 17 -9.00 -6.90 -15.10
N MET B 18 -7.73 -7.19 -14.86
CA MET B 18 -7.41 -8.42 -14.16
C MET B 18 -7.81 -8.39 -12.69
N MET B 19 -8.23 -7.22 -12.17
CA MET B 19 -8.79 -7.21 -10.83
C MET B 19 -10.22 -7.74 -10.76
N LEU B 20 -10.87 -7.99 -11.91
CA LEU B 20 -12.27 -8.40 -11.87
C LEU B 20 -12.45 -9.81 -11.32
N HIS B 21 -11.47 -10.68 -11.51
CA HIS B 21 -11.47 -11.99 -10.88
C HIS B 21 -11.53 -11.85 -9.37
N HIS B 22 -12.54 -12.46 -8.73
CA HIS B 22 -12.72 -12.25 -7.30
C HIS B 22 -13.44 -13.44 -6.68
N ASN B 23 -13.35 -13.51 -5.35
CA ASN B 23 -14.02 -14.55 -4.57
C ASN B 23 -15.35 -13.98 -4.11
N MET B 24 -16.45 -14.52 -4.62
CA MET B 24 -17.73 -13.86 -4.39
C MET B 24 -18.31 -14.20 -3.03
N TRP B 25 -17.67 -15.10 -2.30
CA TRP B 25 -18.13 -15.52 -0.99
C TRP B 25 -17.23 -15.03 0.14
N ASP B 26 -15.98 -14.68 -0.16
CA ASP B 26 -14.96 -14.35 0.84
C ASP B 26 -14.17 -13.16 0.30
N SER B 27 -14.60 -11.95 0.65
CA SER B 27 -13.92 -10.74 0.19
C SER B 27 -12.51 -10.59 0.75
N HIS B 28 -12.12 -11.43 1.70
CA HIS B 28 -10.81 -11.35 2.32
C HIS B 28 -9.89 -12.51 1.93
N HIS B 29 -10.28 -13.30 0.94
CA HIS B 29 -9.39 -14.35 0.44
C HIS B 29 -8.06 -13.72 0.02
N PRO B 30 -6.92 -14.34 0.36
CA PRO B 30 -5.64 -13.67 0.17
C PRO B 30 -5.27 -13.37 -1.28
N GLU B 31 -5.83 -14.09 -2.26
CA GLU B 31 -5.51 -13.80 -3.67
C GLU B 31 -6.41 -12.66 -4.15
N LEU B 32 -6.08 -11.45 -3.67
CA LEU B 32 -6.90 -10.26 -3.74
C LEU B 32 -6.73 -9.53 -5.07
N PRO B 33 -7.82 -8.95 -5.58
CA PRO B 33 -7.70 -8.06 -6.76
C PRO B 33 -6.61 -7.01 -6.58
N GLN B 34 -6.52 -6.42 -5.37
CA GLN B 34 -5.59 -5.32 -5.13
C GLN B 34 -4.14 -5.78 -5.07
N ARG B 35 -3.85 -7.07 -5.20
CA ARG B 35 -2.44 -7.49 -5.32
C ARG B 35 -1.77 -6.77 -6.49
N ILE B 36 -2.44 -6.72 -7.64
CA ILE B 36 -1.78 -6.13 -8.80
C ILE B 36 -1.85 -4.61 -8.76
N SER B 37 -2.96 -4.04 -8.26
CA SER B 37 -3.03 -2.58 -8.20
C SER B 37 -2.06 -2.02 -7.16
N ARG B 38 -1.82 -2.76 -6.08
CA ARG B 38 -0.84 -2.30 -5.09
C ARG B 38 0.57 -2.31 -5.67
N ILE B 39 0.94 -3.37 -6.39
CA ILE B 39 2.26 -3.40 -7.02
C ILE B 39 2.40 -2.26 -8.01
N PHE B 40 1.38 -2.05 -8.84
CA PHE B 40 1.39 -0.95 -9.79
C PHE B 40 1.55 0.39 -9.07
N SER B 41 0.75 0.60 -8.03
CA SER B 41 0.82 1.85 -7.27
C SER B 41 2.23 2.12 -6.74
N ARG B 42 2.91 1.07 -6.25
CA ARG B 42 4.25 1.27 -5.73
C ARG B 42 5.22 1.65 -6.84
N HIS B 43 5.05 1.10 -8.05
CA HIS B 43 5.86 1.54 -9.18
C HIS B 43 5.65 3.02 -9.47
N GLU B 44 4.40 3.49 -9.33
CA GLU B 44 4.10 4.91 -9.52
C GLU B 44 4.82 5.78 -8.50
N GLU B 45 4.70 5.44 -7.20
CA GLU B 45 5.26 6.37 -6.24
C GLU B 45 6.78 6.31 -6.19
N LEU B 46 7.38 5.19 -6.61
CA LEU B 46 8.83 5.16 -6.80
C LEU B 46 9.25 5.74 -8.14
N ARG B 47 8.29 6.16 -8.97
CA ARG B 47 8.57 6.77 -10.28
C ARG B 47 9.37 5.84 -11.17
N LEU B 48 9.08 4.55 -11.04
CA LEU B 48 9.59 3.55 -11.97
C LEU B 48 8.71 3.44 -13.21
N LEU B 49 7.41 3.75 -13.06
CA LEU B 49 6.47 3.53 -14.15
C LEU B 49 6.86 4.32 -15.40
N SER B 50 7.16 5.61 -15.25
CA SER B 50 7.52 6.43 -16.39
C SER B 50 8.86 6.07 -16.99
N ARG B 51 9.65 5.23 -16.32
CA ARG B 51 10.90 4.75 -16.91
C ARG B 51 10.71 3.52 -17.76
N CYS B 52 9.52 2.92 -17.76
CA CYS B 52 9.21 1.72 -18.51
C CYS B 52 8.33 2.03 -19.71
N HIS B 53 8.45 1.22 -20.75
CA HIS B 53 7.51 1.26 -21.86
C HIS B 53 6.32 0.37 -21.51
N ARG B 54 5.10 0.91 -21.67
CA ARG B 54 3.91 0.14 -21.37
C ARG B 54 3.60 -0.85 -22.49
N ILE B 55 3.58 -2.13 -22.16
CA ILE B 55 3.18 -3.19 -23.09
C ILE B 55 1.70 -3.49 -22.89
N PRO B 56 0.90 -3.56 -23.95
CA PRO B 56 -0.54 -3.75 -23.78
C PRO B 56 -0.88 -5.18 -23.36
N ALA B 57 -1.90 -5.31 -22.54
CA ALA B 57 -2.50 -6.62 -22.33
C ALA B 57 -3.27 -7.05 -23.57
N ARG B 58 -3.49 -8.35 -23.68
CA ARG B 58 -4.40 -8.91 -24.68
C ARG B 58 -4.90 -10.24 -24.16
N LEU B 59 -5.97 -10.73 -24.77
CA LEU B 59 -6.46 -12.07 -24.47
C LEU B 59 -5.59 -13.12 -25.16
N ALA B 60 -5.19 -14.14 -24.41
CA ALA B 60 -4.72 -15.38 -25.03
C ALA B 60 -5.84 -16.00 -25.85
N THR B 61 -5.47 -16.64 -26.96
CA THR B 61 -6.43 -17.39 -27.74
C THR B 61 -6.54 -18.82 -27.24
N GLU B 62 -7.61 -19.49 -27.66
CA GLU B 62 -7.78 -20.90 -27.27
C GLU B 62 -6.69 -21.77 -27.89
N GLU B 63 -6.27 -21.46 -29.12
CA GLU B 63 -5.17 -22.23 -29.71
C GLU B 63 -3.89 -22.03 -28.93
N GLU B 64 -3.68 -20.84 -28.37
CA GLU B 64 -2.53 -20.62 -27.51
C GLU B 64 -2.64 -21.40 -26.21
N LEU B 65 -3.83 -21.40 -25.58
CA LEU B 65 -4.02 -22.21 -24.38
C LEU B 65 -3.72 -23.68 -24.65
N ALA B 66 -4.03 -24.16 -25.85
CA ALA B 66 -3.83 -25.54 -26.25
C ALA B 66 -2.37 -25.92 -26.36
N LEU B 67 -1.45 -24.96 -26.29
CA LEU B 67 -0.03 -25.30 -26.24
C LEU B 67 0.30 -26.11 -25.00
N CYS B 68 -0.42 -25.89 -23.90
CA CYS B 68 -0.16 -26.59 -22.64
C CYS B 68 -1.37 -27.30 -22.04
N HIS B 69 -2.60 -26.95 -22.43
CA HIS B 69 -3.79 -27.44 -21.75
C HIS B 69 -4.68 -28.21 -22.72
N SER B 70 -5.42 -29.15 -22.16
CA SER B 70 -6.34 -29.98 -22.92
C SER B 70 -7.58 -29.20 -23.32
N SER B 71 -8.20 -29.65 -24.43
CA SER B 71 -9.44 -29.02 -24.88
C SER B 71 -10.52 -29.08 -23.81
N LYS B 72 -10.59 -30.20 -23.08
CA LYS B 72 -11.61 -30.31 -22.02
C LYS B 72 -11.39 -29.26 -20.95
N HIS B 73 -10.15 -29.10 -20.48
CA HIS B 73 -9.90 -28.14 -19.42
C HIS B 73 -10.20 -26.72 -19.89
N ILE B 74 -9.78 -26.38 -21.12
CA ILE B 74 -10.10 -25.06 -21.66
C ILE B 74 -11.61 -24.85 -21.69
N SER B 75 -12.36 -25.86 -22.17
CA SER B 75 -13.79 -25.71 -22.32
CA SER B 75 -13.79 -25.70 -22.32
C SER B 75 -14.49 -25.52 -20.97
N ILE B 76 -14.03 -26.24 -19.94
CA ILE B 76 -14.66 -26.14 -18.62
C ILE B 76 -14.45 -24.74 -18.02
N ILE B 77 -13.22 -24.25 -18.05
CA ILE B 77 -12.98 -22.91 -17.49
C ILE B 77 -13.71 -21.86 -18.33
N LYS B 78 -13.73 -22.05 -19.65
CA LYS B 78 -14.44 -21.12 -20.52
C LYS B 78 -15.92 -21.09 -20.18
N SER B 79 -16.51 -22.26 -19.90
CA SER B 79 -17.93 -22.31 -19.55
C SER B 79 -18.24 -21.58 -18.24
N SER B 80 -17.26 -21.41 -17.35
CA SER B 80 -17.57 -20.79 -16.07
C SER B 80 -17.93 -19.31 -16.22
N GLU B 81 -17.60 -18.69 -17.35
CA GLU B 81 -17.99 -17.31 -17.59
C GLU B 81 -19.51 -17.13 -17.58
N HIS B 82 -20.27 -18.18 -17.87
CA HIS B 82 -21.72 -18.11 -17.96
C HIS B 82 -22.42 -18.90 -16.86
N MET B 83 -21.71 -19.22 -15.79
CA MET B 83 -22.25 -20.07 -14.73
C MET B 83 -22.96 -19.23 -13.69
N LYS B 84 -24.04 -19.79 -13.14
CA LYS B 84 -24.71 -19.22 -11.98
C LYS B 84 -23.84 -19.40 -10.74
N PRO B 85 -24.04 -18.57 -9.71
CA PRO B 85 -23.18 -18.68 -8.51
C PRO B 85 -23.12 -20.07 -7.91
N ARG B 86 -24.26 -20.78 -7.84
CA ARG B 86 -24.25 -22.14 -7.34
C ARG B 86 -23.28 -23.02 -8.12
N ASP B 87 -23.25 -22.87 -9.46
CA ASP B 87 -22.39 -23.73 -10.27
C ASP B 87 -20.93 -23.29 -10.20
N LEU B 88 -20.68 -21.99 -10.09
CA LEU B 88 -19.32 -21.52 -9.82
C LEU B 88 -18.79 -22.11 -8.51
N ASN B 89 -19.62 -22.17 -7.48
CA ASN B 89 -19.20 -22.77 -6.22
C ASN B 89 -18.86 -24.25 -6.42
N ARG B 90 -19.74 -25.00 -7.08
CA ARG B 90 -19.53 -26.43 -7.20
C ARG B 90 -18.32 -26.73 -8.08
N LEU B 91 -18.14 -25.96 -9.16
CA LEU B 91 -16.98 -26.20 -10.01
C LEU B 91 -15.68 -25.86 -9.29
N GLY B 92 -15.66 -24.73 -8.56
CA GLY B 92 -14.48 -24.40 -7.77
C GLY B 92 -14.10 -25.52 -6.82
N ASP B 93 -15.11 -26.16 -6.21
CA ASP B 93 -14.87 -27.22 -5.23
C ASP B 93 -14.41 -28.52 -5.86
N GLU B 94 -14.46 -28.63 -7.20
CA GLU B 94 -13.91 -29.81 -7.85
C GLU B 94 -12.39 -29.77 -7.93
N TYR B 95 -11.80 -28.62 -7.63
CA TYR B 95 -10.36 -28.39 -7.68
C TYR B 95 -9.81 -28.20 -6.28
N ASN B 96 -8.51 -28.39 -6.17
CA ASN B 96 -7.73 -28.03 -4.99
C ASN B 96 -7.52 -26.52 -4.97
N SER B 97 -8.17 -25.84 -4.02
CA SER B 97 -7.90 -24.44 -3.69
C SER B 97 -8.14 -23.51 -4.87
N ILE B 98 -9.40 -23.44 -5.30
CA ILE B 98 -9.83 -22.60 -6.41
C ILE B 98 -11.13 -21.90 -6.04
N PHE B 99 -11.18 -20.58 -6.21
CA PHE B 99 -12.44 -19.84 -6.29
C PHE B 99 -12.61 -19.30 -7.70
N ILE B 100 -13.87 -19.19 -8.14
CA ILE B 100 -14.19 -18.74 -9.49
C ILE B 100 -15.30 -17.71 -9.44
N SER B 101 -15.19 -16.67 -10.28
CA SER B 101 -16.27 -15.76 -10.61
C SER B 101 -16.49 -15.77 -12.12
N ASN B 102 -17.51 -15.05 -12.58
CA ASN B 102 -17.78 -15.02 -14.02
C ASN B 102 -16.68 -14.33 -14.80
N GLU B 103 -15.84 -13.55 -14.14
CA GLU B 103 -14.73 -12.84 -14.77
C GLU B 103 -13.42 -13.62 -14.78
N SER B 104 -13.37 -14.79 -14.12
CA SER B 104 -12.12 -15.50 -13.91
C SER B 104 -11.47 -15.92 -15.24
N TYR B 105 -12.27 -16.50 -16.13
CA TYR B 105 -11.76 -16.93 -17.42
C TYR B 105 -11.10 -15.77 -18.17
N THR B 106 -11.84 -14.67 -18.30
CA THR B 106 -11.30 -13.47 -18.95
C THR B 106 -9.98 -13.03 -18.33
N CYS B 107 -9.92 -12.96 -17.00
CA CYS B 107 -8.70 -12.51 -16.35
C CYS B 107 -7.55 -13.48 -16.57
N ALA B 108 -7.82 -14.79 -16.53
CA ALA B 108 -6.78 -15.76 -16.85
C ALA B 108 -6.28 -15.58 -18.28
N LEU B 109 -7.19 -15.30 -19.22
CA LEU B 109 -6.76 -15.07 -20.60
C LEU B 109 -5.89 -13.83 -20.69
N LEU B 110 -6.26 -12.77 -19.96
CA LEU B 110 -5.49 -11.54 -19.99
C LEU B 110 -4.12 -11.72 -19.37
N ALA B 111 -4.04 -12.50 -18.29
CA ALA B 111 -2.74 -12.72 -17.65
C ALA B 111 -1.80 -13.42 -18.63
N ALA B 112 -2.30 -14.42 -19.35
CA ALA B 112 -1.46 -15.13 -20.30
C ALA B 112 -1.11 -14.26 -21.50
N GLY B 113 -2.11 -13.59 -22.08
CA GLY B 113 -1.84 -12.77 -23.25
C GLY B 113 -0.92 -11.59 -22.95
N SER B 114 -1.03 -11.03 -21.75
CA SER B 114 -0.09 -9.98 -21.34
C SER B 114 1.34 -10.48 -21.36
N CYS B 115 1.55 -11.71 -20.88
CA CYS B 115 2.89 -12.31 -20.88
C CYS B 115 3.34 -12.71 -22.27
N PHE B 116 2.44 -13.14 -23.16
CA PHE B 116 2.82 -13.37 -24.55
C PHE B 116 3.31 -12.07 -25.19
N ASN B 117 2.57 -10.98 -24.98
CA ASN B 117 2.98 -9.71 -25.57
C ASN B 117 4.33 -9.27 -25.04
N SER B 118 4.58 -9.51 -23.75
CA SER B 118 5.87 -9.14 -23.18
C SER B 118 7.00 -10.02 -23.74
N ALA B 119 6.78 -11.32 -23.84
CA ALA B 119 7.79 -12.18 -24.46
C ALA B 119 8.05 -11.77 -25.91
N GLN B 120 6.99 -11.51 -26.68
CA GLN B 120 7.17 -11.03 -28.04
C GLN B 120 7.99 -9.74 -28.08
N ALA B 121 7.70 -8.81 -27.17
CA ALA B 121 8.44 -7.55 -27.18
C ALA B 121 9.91 -7.77 -26.92
N ILE B 122 10.23 -8.74 -26.06
CA ILE B 122 11.62 -9.07 -25.79
C ILE B 122 12.26 -9.74 -26.99
N LEU B 123 11.57 -10.72 -27.57
CA LEU B 123 12.17 -11.53 -28.64
C LEU B 123 12.28 -10.78 -29.95
N THR B 124 11.53 -9.69 -30.11
CA THR B 124 11.66 -8.81 -31.28
C THR B 124 12.63 -7.66 -31.04
N GLY B 125 13.27 -7.61 -29.89
CA GLY B 125 14.16 -6.51 -29.61
C GLY B 125 13.49 -5.18 -29.32
N GLN B 126 12.18 -5.17 -29.11
CA GLN B 126 11.53 -3.88 -28.80
C GLN B 126 11.85 -3.43 -27.38
N VAL B 127 12.01 -4.37 -26.44
CA VAL B 127 12.47 -4.10 -25.09
C VAL B 127 13.54 -5.13 -24.77
N ARG B 128 14.40 -4.78 -23.80
CA ARG B 128 15.43 -5.73 -23.37
C ARG B 128 14.88 -6.74 -22.37
N ASN B 129 13.92 -6.32 -21.55
CA ASN B 129 13.40 -7.16 -20.47
C ASN B 129 12.04 -6.60 -20.09
N ALA B 130 11.32 -7.29 -19.21
CA ALA B 130 9.97 -6.83 -18.93
C ALA B 130 9.47 -7.38 -17.60
N VAL B 131 8.46 -6.70 -17.06
CA VAL B 131 7.78 -7.13 -15.85
C VAL B 131 6.29 -7.21 -16.15
N ALA B 132 5.63 -8.25 -15.64
CA ALA B 132 4.22 -8.52 -15.90
C ALA B 132 3.46 -8.58 -14.58
N ILE B 133 2.66 -7.56 -14.30
CA ILE B 133 1.90 -7.47 -13.05
C ILE B 133 0.52 -8.05 -13.32
N VAL B 134 0.38 -9.37 -13.12
CA VAL B 134 -0.76 -10.11 -13.64
C VAL B 134 -1.33 -11.01 -12.55
N ARG B 135 -2.63 -11.29 -12.68
CA ARG B 135 -3.35 -12.25 -11.85
C ARG B 135 -4.56 -12.71 -12.64
N PRO B 136 -5.11 -13.89 -12.35
CA PRO B 136 -4.68 -14.90 -11.36
C PRO B 136 -3.33 -15.51 -11.74
N PRO B 137 -2.66 -16.14 -10.76
CA PRO B 137 -1.37 -16.78 -11.04
C PRO B 137 -1.48 -18.06 -11.88
N GLY B 138 -0.35 -18.68 -12.17
CA GLY B 138 -0.38 -19.77 -13.13
C GLY B 138 0.32 -21.09 -12.79
N HIS B 139 1.36 -21.09 -11.93
CA HIS B 139 2.30 -22.20 -11.95
C HIS B 139 1.77 -23.49 -11.33
N HIS B 140 0.67 -23.45 -10.58
CA HIS B 140 0.05 -24.68 -10.11
C HIS B 140 -0.89 -25.32 -11.13
N ALA B 141 -1.27 -24.59 -12.19
CA ALA B 141 -2.21 -25.12 -13.16
C ALA B 141 -1.58 -26.22 -14.00
N GLU B 142 -2.33 -27.30 -14.19
CA GLU B 142 -1.88 -28.49 -14.90
C GLU B 142 -2.45 -28.51 -16.31
N LYS B 143 -1.98 -29.46 -17.13
CA LYS B 143 -2.56 -29.62 -18.46
C LYS B 143 -4.08 -29.76 -18.38
N ASP B 144 -4.56 -30.57 -17.43
CA ASP B 144 -5.96 -30.96 -17.37
C ASP B 144 -6.77 -30.31 -16.27
N THR B 145 -6.16 -29.57 -15.33
CA THR B 145 -6.95 -29.05 -14.21
C THR B 145 -6.40 -27.70 -13.72
N ALA B 146 -7.30 -26.94 -13.09
CA ALA B 146 -6.92 -25.78 -12.30
C ALA B 146 -6.48 -26.22 -10.91
N CYS B 147 -5.66 -25.39 -10.27
CA CYS B 147 -5.12 -25.76 -8.96
C CYS B 147 -4.55 -24.54 -8.27
N GLY B 148 -4.76 -24.44 -6.96
CA GLY B 148 -4.06 -23.44 -6.17
C GLY B 148 -4.11 -22.02 -6.66
N PHE B 149 -5.31 -21.50 -6.91
CA PHE B 149 -5.59 -20.14 -7.39
C PHE B 149 -5.20 -19.95 -8.85
N CYS B 150 -4.78 -21.00 -9.57
CA CYS B 150 -4.29 -20.89 -10.93
C CYS B 150 -5.20 -21.65 -11.88
N PHE B 151 -5.54 -21.03 -13.02
CA PHE B 151 -6.40 -21.64 -14.02
C PHE B 151 -5.64 -22.14 -15.25
N PHE B 152 -4.77 -21.32 -15.80
CA PHE B 152 -3.92 -21.69 -16.92
C PHE B 152 -2.49 -21.37 -16.53
N ASN B 153 -1.55 -22.19 -17.01
CA ASN B 153 -0.16 -22.02 -16.57
C ASN B 153 0.52 -20.96 -17.43
N THR B 154 0.39 -19.72 -16.97
CA THR B 154 0.87 -18.55 -17.72
C THR B 154 2.34 -18.66 -18.11
N ALA B 155 3.21 -19.02 -17.17
CA ALA B 155 4.64 -19.09 -17.47
C ALA B 155 4.94 -20.21 -18.47
N ALA B 156 4.29 -21.37 -18.32
CA ALA B 156 4.51 -22.47 -19.25
C ALA B 156 3.97 -22.12 -20.64
N LEU B 157 2.79 -21.50 -20.69
CA LEU B 157 2.24 -21.03 -21.96
C LEU B 157 3.16 -20.02 -22.62
N THR B 158 3.73 -19.13 -21.82
CA THR B 158 4.63 -18.12 -22.38
C THR B 158 5.88 -18.76 -22.97
N ALA B 159 6.36 -19.84 -22.36
CA ALA B 159 7.52 -20.54 -22.90
C ALA B 159 7.18 -21.17 -24.25
N ARG B 160 6.03 -21.85 -24.34
CA ARG B 160 5.62 -22.43 -25.61
C ARG B 160 5.28 -21.36 -26.63
N TYR B 161 4.66 -20.27 -26.21
CA TYR B 161 4.41 -19.17 -27.13
C TYR B 161 5.71 -18.60 -27.68
N ALA B 162 6.72 -18.41 -26.82
CA ALA B 162 8.02 -17.94 -27.26
C ALA B 162 8.58 -18.84 -28.36
N GLN B 163 8.54 -20.15 -28.12
CA GLN B 163 9.00 -21.12 -29.10
C GLN B 163 8.20 -21.02 -30.38
N SER B 164 6.89 -20.73 -30.27
CA SER B 164 6.04 -20.71 -31.46
C SER B 164 6.36 -19.53 -32.38
N ILE B 165 6.94 -18.45 -31.86
CA ILE B 165 7.29 -17.29 -32.69
C ILE B 165 8.78 -17.21 -32.97
N THR B 166 9.57 -18.18 -32.50
CA THR B 166 10.99 -18.15 -32.83
C THR B 166 11.39 -19.46 -33.48
N ARG B 167 11.84 -20.44 -32.70
CA ARG B 167 11.94 -21.80 -33.20
C ARG B 167 11.50 -22.76 -32.11
N GLU B 168 11.05 -23.94 -32.55
CA GLU B 168 10.38 -24.88 -31.64
C GLU B 168 11.28 -25.28 -30.48
N SER B 169 12.59 -25.32 -30.69
CA SER B 169 13.55 -25.74 -29.69
C SER B 169 14.22 -24.59 -28.96
N LEU B 170 13.66 -23.38 -29.01
CA LEU B 170 14.22 -22.26 -28.28
C LEU B 170 14.41 -22.63 -26.82
N ARG B 171 15.62 -22.37 -26.30
CA ARG B 171 15.96 -22.76 -24.93
C ARG B 171 15.39 -21.72 -23.97
N VAL B 172 14.39 -22.13 -23.21
CA VAL B 172 13.72 -21.28 -22.24
C VAL B 172 14.06 -21.78 -20.86
N LEU B 173 14.57 -20.89 -20.00
CA LEU B 173 14.75 -21.20 -18.60
C LEU B 173 13.59 -20.58 -17.83
N ILE B 174 12.94 -21.38 -16.98
CA ILE B 174 11.92 -20.88 -16.06
C ILE B 174 12.50 -21.00 -14.67
N VAL B 175 12.71 -19.86 -14.02
CA VAL B 175 13.12 -19.82 -12.62
C VAL B 175 11.89 -19.49 -11.80
N ASP B 176 11.50 -20.42 -10.93
CA ASP B 176 10.27 -20.30 -10.14
C ASP B 176 10.67 -20.07 -8.69
N TRP B 177 10.63 -18.80 -8.25
CA TRP B 177 11.02 -18.48 -6.88
C TRP B 177 9.84 -18.17 -5.99
N ASP B 178 8.61 -18.34 -6.50
CA ASP B 178 7.44 -18.47 -5.62
C ASP B 178 7.73 -19.50 -4.53
N VAL B 179 7.21 -19.27 -3.32
CA VAL B 179 7.57 -20.15 -2.20
C VAL B 179 7.02 -21.56 -2.40
N HIS B 180 6.02 -21.73 -3.25
CA HIS B 180 5.41 -23.02 -3.50
C HIS B 180 6.04 -23.65 -4.75
N HIS B 181 6.05 -24.98 -4.78
CA HIS B 181 6.49 -25.69 -5.96
C HIS B 181 5.50 -25.46 -7.10
N GLY B 182 6.03 -25.22 -8.29
CA GLY B 182 5.14 -25.11 -9.43
C GLY B 182 4.87 -26.48 -10.02
N ASN B 183 3.92 -27.22 -9.44
CA ASN B 183 3.65 -28.59 -9.87
C ASN B 183 3.24 -28.64 -11.33
N GLY B 184 2.44 -27.67 -11.77
CA GLY B 184 1.99 -27.66 -13.16
C GLY B 184 3.14 -27.43 -14.13
N THR B 185 4.00 -26.47 -13.83
CA THR B 185 5.14 -26.22 -14.72
C THR B 185 6.08 -27.41 -14.78
N GLN B 186 6.39 -28.02 -13.64
CA GLN B 186 7.25 -29.19 -13.65
C GLN B 186 6.65 -30.27 -14.56
N HIS B 187 5.38 -30.61 -14.33
CA HIS B 187 4.74 -31.67 -15.09
C HIS B 187 4.68 -31.34 -16.58
N ILE B 188 4.34 -30.11 -16.92
CA ILE B 188 4.20 -29.75 -18.33
C ILE B 188 5.49 -29.99 -19.08
N PHE B 189 6.63 -29.71 -18.45
CA PHE B 189 7.91 -29.79 -19.15
C PHE B 189 8.77 -30.97 -18.69
N GLU B 190 8.22 -31.91 -17.92
CA GLU B 190 9.07 -32.91 -17.28
C GLU B 190 9.81 -33.76 -18.30
N GLU B 191 9.23 -33.96 -19.49
CA GLU B 191 9.83 -34.77 -20.54
C GLU B 191 10.48 -33.93 -21.63
N ASP B 192 10.84 -32.69 -21.31
CA ASP B 192 11.27 -31.70 -22.30
C ASP B 192 12.65 -31.18 -21.93
N ASP B 193 13.58 -31.22 -22.89
CA ASP B 193 14.90 -30.66 -22.72
C ASP B 193 15.02 -29.23 -23.23
N SER B 194 13.99 -28.69 -23.85
CA SER B 194 14.05 -27.32 -24.34
C SER B 194 13.62 -26.30 -23.30
N VAL B 195 12.96 -26.72 -22.23
CA VAL B 195 12.53 -25.79 -21.19
C VAL B 195 13.10 -26.30 -19.88
N LEU B 196 14.07 -25.58 -19.34
CA LEU B 196 14.71 -25.95 -18.09
C LEU B 196 13.91 -25.33 -16.96
N TYR B 197 13.39 -26.18 -16.07
CA TYR B 197 12.58 -25.70 -14.94
C TYR B 197 13.42 -25.79 -13.67
N ILE B 198 13.60 -24.66 -12.99
CA ILE B 198 14.29 -24.62 -11.70
C ILE B 198 13.36 -24.02 -10.69
N SER B 199 12.99 -24.79 -9.67
CA SER B 199 12.13 -24.28 -8.60
C SER B 199 12.86 -24.30 -7.27
N LEU B 200 12.71 -23.21 -6.52
CA LEU B 200 13.04 -23.17 -5.10
C LEU B 200 11.72 -23.09 -4.35
N HIS B 201 11.57 -23.87 -3.29
CA HIS B 201 10.27 -23.91 -2.64
C HIS B 201 10.37 -24.49 -1.25
N ARG B 202 9.55 -23.96 -0.34
CA ARG B 202 9.29 -24.63 0.92
C ARG B 202 8.64 -25.98 0.66
N TYR B 203 9.21 -27.04 1.25
CA TYR B 203 8.80 -28.40 0.98
C TYR B 203 8.31 -29.12 2.23
N GLU B 204 9.11 -29.09 3.31
CA GLU B 204 8.79 -29.72 4.59
C GLU B 204 8.39 -31.18 4.39
N ASP B 205 9.24 -31.90 3.66
CA ASP B 205 9.09 -33.33 3.42
C ASP B 205 7.71 -33.66 2.85
N GLY B 206 7.17 -32.78 2.01
CA GLY B 206 5.89 -33.03 1.38
C GLY B 206 4.69 -32.46 2.11
N ALA B 207 4.88 -31.85 3.29
CA ALA B 207 3.77 -31.35 4.09
C ALA B 207 3.26 -29.99 3.65
N PHE B 208 4.07 -29.23 2.91
CA PHE B 208 3.70 -27.87 2.52
C PHE B 208 3.03 -27.88 1.16
N PHE B 209 2.02 -27.02 0.98
CA PHE B 209 1.32 -26.95 -0.29
C PHE B 209 2.32 -26.85 -1.44
N PRO B 210 2.14 -27.59 -2.54
CA PRO B 210 0.97 -28.41 -2.92
C PRO B 210 1.00 -29.87 -2.46
N ASN B 211 1.83 -30.21 -1.47
CA ASN B 211 1.70 -31.43 -0.68
C ASN B 211 2.05 -32.69 -1.45
N SER B 212 2.99 -32.61 -2.38
CA SER B 212 3.36 -33.78 -3.19
C SER B 212 4.86 -33.97 -3.16
N GLU B 213 5.28 -35.23 -3.10
CA GLU B 213 6.70 -35.51 -3.17
C GLU B 213 7.27 -35.32 -4.58
N ASP B 214 6.42 -34.98 -5.57
CA ASP B 214 6.94 -34.52 -6.86
C ASP B 214 7.91 -33.36 -6.70
N ALA B 215 7.84 -32.64 -5.59
CA ALA B 215 8.62 -31.44 -5.37
C ALA B 215 10.01 -31.73 -4.82
N ASN B 216 10.34 -32.98 -4.54
CA ASN B 216 11.63 -33.28 -3.92
C ASN B 216 12.77 -33.16 -4.93
N TYR B 217 13.99 -33.10 -4.41
CA TYR B 217 15.18 -32.87 -5.23
C TYR B 217 15.50 -34.03 -6.17
N ASP B 218 14.92 -35.20 -5.94
CA ASP B 218 15.27 -36.36 -6.76
C ASP B 218 14.39 -36.49 -8.00
N LYS B 219 13.47 -35.56 -8.23
CA LYS B 219 12.71 -35.55 -9.48
C LYS B 219 13.52 -34.71 -10.46
N VAL B 220 14.27 -35.37 -11.35
CA VAL B 220 15.23 -34.67 -12.20
C VAL B 220 14.77 -34.57 -13.64
N GLY B 221 13.59 -35.07 -13.96
CA GLY B 221 13.11 -35.06 -15.32
C GLY B 221 13.06 -36.47 -15.90
N LEU B 222 12.28 -36.61 -16.98
CA LEU B 222 12.00 -37.89 -17.60
C LEU B 222 12.36 -37.86 -19.08
N GLY B 223 12.76 -39.02 -19.61
CA GLY B 223 13.02 -39.11 -21.04
C GLY B 223 14.10 -38.16 -21.49
N LYS B 224 13.84 -37.45 -22.60
CA LYS B 224 14.78 -36.46 -23.08
C LYS B 224 14.97 -35.31 -22.10
N GLY B 225 14.02 -35.11 -21.18
CA GLY B 225 14.11 -34.10 -20.15
C GLY B 225 14.87 -34.50 -18.91
N ARG B 226 15.51 -35.68 -18.88
CA ARG B 226 16.24 -36.07 -17.68
C ARG B 226 17.40 -35.09 -17.46
N GLY B 227 17.40 -34.45 -16.29
CA GLY B 227 18.36 -33.41 -15.96
C GLY B 227 17.83 -31.99 -16.12
N TYR B 228 16.69 -31.81 -16.77
CA TYR B 228 16.16 -30.49 -17.06
C TYR B 228 15.02 -30.11 -16.12
N ASN B 229 14.96 -30.75 -14.94
CA ASN B 229 14.05 -30.38 -13.88
C ASN B 229 14.83 -30.34 -12.57
N VAL B 230 14.93 -29.15 -11.98
CA VAL B 230 15.78 -28.90 -10.81
C VAL B 230 14.87 -28.40 -9.69
N ASN B 231 14.60 -29.26 -8.71
CA ASN B 231 13.85 -28.89 -7.51
C ASN B 231 14.83 -28.61 -6.37
N ILE B 232 14.69 -27.45 -5.74
CA ILE B 232 15.50 -27.05 -4.60
C ILE B 232 14.56 -26.92 -3.39
N PRO B 233 14.35 -28.00 -2.62
CA PRO B 233 13.32 -27.96 -1.58
C PRO B 233 13.89 -27.59 -0.22
N TRP B 234 13.20 -26.70 0.49
CA TRP B 234 13.61 -26.25 1.82
C TRP B 234 12.85 -27.03 2.88
N ASN B 235 13.56 -27.42 3.94
CA ASN B 235 12.98 -28.12 5.07
C ASN B 235 13.49 -27.49 6.37
N GLY B 236 12.61 -27.38 7.35
CA GLY B 236 12.99 -27.06 8.72
C GLY B 236 13.70 -25.73 8.92
N GLY B 237 13.27 -24.69 8.22
CA GLY B 237 13.91 -23.42 8.40
C GLY B 237 13.13 -22.26 7.80
N LYS B 238 13.15 -21.11 8.48
CA LYS B 238 12.63 -19.87 7.93
C LYS B 238 13.71 -19.28 7.02
N MET B 239 13.70 -19.72 5.77
CA MET B 239 14.72 -19.31 4.81
C MET B 239 14.54 -17.84 4.40
N GLY B 240 15.64 -17.26 3.96
CA GLY B 240 15.68 -15.86 3.60
C GLY B 240 16.83 -15.58 2.67
N ASP B 241 17.31 -14.34 2.68
CA ASP B 241 18.32 -13.92 1.71
C ASP B 241 19.55 -14.81 1.65
N PRO B 242 20.20 -15.19 2.77
CA PRO B 242 21.43 -15.97 2.63
C PRO B 242 21.20 -17.31 1.96
N GLU B 243 20.07 -17.93 2.26
CA GLU B 243 19.75 -19.24 1.68
C GLU B 243 19.46 -19.14 0.20
N TYR B 244 18.73 -18.10 -0.21
CA TYR B 244 18.41 -17.97 -1.63
C TYR B 244 19.64 -17.55 -2.44
N MET B 245 20.50 -16.69 -1.87
CA MET B 245 21.77 -16.38 -2.54
C MET B 245 22.66 -17.60 -2.64
N ALA B 246 22.69 -18.44 -1.61
CA ALA B 246 23.53 -19.64 -1.68
C ALA B 246 23.03 -20.59 -2.76
N ALA B 247 21.72 -20.76 -2.87
CA ALA B 247 21.15 -21.62 -3.91
C ALA B 247 21.44 -21.08 -5.30
N PHE B 248 21.37 -19.76 -5.47
CA PHE B 248 21.71 -19.18 -6.76
C PHE B 248 23.18 -19.38 -7.08
N HIS B 249 24.04 -19.25 -6.07
CA HIS B 249 25.47 -19.35 -6.30
C HIS B 249 25.87 -20.77 -6.66
N HIS B 250 25.40 -21.76 -5.88
CA HIS B 250 25.83 -23.15 -6.07
C HIS B 250 25.02 -23.90 -7.10
N LEU B 251 23.78 -23.50 -7.40
CA LEU B 251 22.92 -24.30 -8.24
C LEU B 251 22.32 -23.52 -9.40
N VAL B 252 21.55 -22.47 -9.13
CA VAL B 252 20.74 -21.85 -10.18
C VAL B 252 21.61 -21.28 -11.29
N MET B 253 22.59 -20.44 -10.94
CA MET B 253 23.41 -19.82 -11.98
C MET B 253 24.42 -20.74 -12.68
N PRO B 254 25.12 -21.67 -12.01
CA PRO B 254 25.95 -22.61 -12.78
C PRO B 254 25.14 -23.44 -13.75
N ILE B 255 23.97 -23.93 -13.33
CA ILE B 255 23.12 -24.71 -14.23
C ILE B 255 22.60 -23.84 -15.36
N ALA B 256 22.08 -22.65 -15.02
CA ALA B 256 21.55 -21.76 -16.05
C ALA B 256 22.62 -21.39 -17.08
N ARG B 257 23.83 -21.08 -16.62
CA ARG B 257 24.86 -20.68 -17.58
C ARG B 257 25.23 -21.83 -18.50
N GLU B 258 25.20 -23.06 -17.97
CA GLU B 258 25.52 -24.22 -18.80
C GLU B 258 24.40 -24.48 -19.81
N PHE B 259 23.15 -24.32 -19.39
CA PHE B 259 22.00 -24.50 -20.28
C PHE B 259 22.00 -23.46 -21.40
N ALA B 260 22.52 -22.26 -21.12
CA ALA B 260 22.62 -21.16 -22.07
C ALA B 260 21.24 -20.80 -22.62
N PRO B 261 20.32 -20.35 -21.78
CA PRO B 261 18.96 -20.05 -22.28
C PRO B 261 18.98 -18.90 -23.28
N GLU B 262 18.01 -18.91 -24.18
CA GLU B 262 17.78 -17.79 -25.07
C GLU B 262 16.66 -16.89 -24.58
N LEU B 263 16.01 -17.28 -23.48
CA LEU B 263 14.97 -16.47 -22.84
C LEU B 263 14.80 -16.98 -21.42
N VAL B 264 14.70 -16.05 -20.47
CA VAL B 264 14.48 -16.39 -19.07
C VAL B 264 13.10 -15.86 -18.66
N LEU B 265 12.25 -16.76 -18.17
CA LEU B 265 11.00 -16.40 -17.51
C LEU B 265 11.18 -16.61 -16.02
N VAL B 266 10.75 -15.64 -15.21
CA VAL B 266 10.71 -15.81 -13.77
C VAL B 266 9.26 -15.99 -13.37
N SER B 267 8.94 -17.16 -12.81
CA SER B 267 7.68 -17.34 -12.07
C SER B 267 7.93 -16.67 -10.73
N ALA B 268 7.60 -15.38 -10.70
CA ALA B 268 8.03 -14.49 -9.61
C ALA B 268 6.88 -14.36 -8.62
N GLY B 269 6.70 -15.40 -7.82
CA GLY B 269 5.86 -15.25 -6.63
C GLY B 269 6.64 -14.55 -5.53
N PHE B 270 5.97 -13.70 -4.76
CA PHE B 270 6.65 -13.01 -3.69
C PHE B 270 6.11 -13.46 -2.33
N ASP B 271 5.72 -14.73 -2.23
CA ASP B 271 5.25 -15.29 -0.97
C ASP B 271 6.36 -15.93 -0.15
N ALA B 272 7.61 -15.88 -0.60
CA ALA B 272 8.71 -16.15 0.31
C ALA B 272 9.20 -14.88 0.99
N ALA B 273 8.49 -13.78 0.79
CA ALA B 273 8.93 -12.50 1.34
C ALA B 273 8.63 -12.43 2.83
N ARG B 274 9.49 -11.72 3.55
CA ARG B 274 9.18 -11.32 4.92
C ARG B 274 7.78 -10.73 4.99
N GLY B 275 6.99 -11.15 5.98
CA GLY B 275 5.64 -10.65 6.16
C GLY B 275 4.55 -11.44 5.46
N ASP B 276 4.88 -12.40 4.60
CA ASP B 276 3.82 -13.15 3.92
C ASP B 276 3.03 -13.99 4.92
N PRO B 277 1.70 -13.99 4.86
CA PRO B 277 0.90 -14.76 5.83
C PRO B 277 0.84 -16.25 5.55
N LEU B 278 1.30 -16.69 4.37
CA LEU B 278 1.23 -18.09 3.98
C LEU B 278 2.59 -18.76 3.84
N GLY B 279 3.62 -18.02 3.46
CA GLY B 279 4.92 -18.62 3.16
C GLY B 279 5.80 -18.88 4.38
N GLY B 280 5.75 -18.00 5.37
CA GLY B 280 6.58 -18.20 6.55
C GLY B 280 8.06 -17.99 6.36
N PHE B 281 8.49 -17.38 5.25
CA PHE B 281 9.90 -17.11 4.96
C PHE B 281 10.21 -15.63 5.14
N GLN B 282 11.46 -15.24 4.87
CA GLN B 282 11.87 -13.86 5.15
C GLN B 282 12.84 -13.32 4.10
N VAL B 283 12.64 -13.68 2.82
CA VAL B 283 13.39 -13.01 1.76
C VAL B 283 12.99 -11.55 1.72
N THR B 284 13.98 -10.66 1.51
CA THR B 284 13.75 -9.22 1.55
C THR B 284 13.62 -8.66 0.14
N PRO B 285 13.10 -7.44 0.00
CA PRO B 285 13.09 -6.82 -1.33
C PRO B 285 14.49 -6.69 -1.92
N GLU B 286 15.48 -6.43 -1.07
CA GLU B 286 16.86 -6.37 -1.54
C GLU B 286 17.34 -7.73 -2.02
N GLY B 287 16.89 -8.79 -1.36
CA GLY B 287 17.22 -10.13 -1.83
C GLY B 287 16.65 -10.39 -3.22
N TYR B 288 15.37 -10.07 -3.43
CA TYR B 288 14.77 -10.25 -4.75
C TYR B 288 15.47 -9.38 -5.80
N ALA B 289 15.95 -8.20 -5.42
CA ALA B 289 16.70 -7.41 -6.37
C ALA B 289 17.96 -8.14 -6.83
N HIS B 290 18.69 -8.75 -5.88
CA HIS B 290 19.91 -9.45 -6.25
C HIS B 290 19.64 -10.70 -7.10
N LEU B 291 18.56 -11.42 -6.79
CA LEU B 291 18.19 -12.56 -7.65
C LEU B 291 17.90 -12.09 -9.06
N THR B 292 17.12 -11.01 -9.19
CA THR B 292 16.87 -10.44 -10.52
C THR B 292 18.16 -10.06 -11.22
N HIS B 293 19.04 -9.36 -10.48
CA HIS B 293 20.28 -8.88 -11.08
C HIS B 293 21.14 -10.03 -11.59
N GLN B 294 21.13 -11.17 -10.88
CA GLN B 294 21.90 -12.32 -11.34
C GLN B 294 21.30 -12.91 -12.62
N LEU B 295 19.97 -13.04 -12.67
CA LEU B 295 19.34 -13.62 -13.86
C LEU B 295 19.55 -12.75 -15.07
N MET B 296 19.76 -11.45 -14.86
CA MET B 296 19.95 -10.51 -15.95
C MET B 296 21.22 -10.77 -16.73
N SER B 297 22.14 -11.57 -16.18
CA SER B 297 23.38 -11.93 -16.85
C SER B 297 23.20 -13.08 -17.84
N LEU B 298 22.00 -13.63 -17.91
CA LEU B 298 21.69 -14.75 -18.78
C LEU B 298 20.92 -14.28 -20.00
N ALA B 299 20.98 -15.08 -21.07
CA ALA B 299 20.14 -14.89 -22.26
C ALA B 299 20.26 -13.50 -22.85
N ALA B 300 21.45 -12.89 -22.74
CA ALA B 300 21.67 -11.53 -23.25
C ALA B 300 20.72 -10.54 -22.59
N GLY B 301 20.37 -10.77 -21.33
CA GLY B 301 19.50 -9.89 -20.59
C GLY B 301 18.02 -10.11 -20.79
N ARG B 302 17.64 -11.08 -21.65
CA ARG B 302 16.24 -11.31 -21.99
C ARG B 302 15.49 -11.97 -20.85
N VAL B 303 14.94 -11.17 -19.93
CA VAL B 303 14.30 -11.66 -18.72
C VAL B 303 12.87 -11.12 -18.64
N LEU B 304 11.90 -12.01 -18.40
CA LEU B 304 10.50 -11.62 -18.20
C LEU B 304 10.09 -12.04 -16.80
N ILE B 305 9.72 -11.07 -15.97
CA ILE B 305 9.36 -11.33 -14.57
C ILE B 305 7.84 -11.41 -14.49
N ILE B 306 7.29 -12.58 -14.14
CA ILE B 306 5.85 -12.83 -14.17
C ILE B 306 5.35 -13.00 -12.73
N LEU B 307 4.42 -12.13 -12.31
CA LEU B 307 3.88 -12.27 -10.95
C LEU B 307 3.18 -13.62 -10.78
N GLU B 308 3.55 -14.36 -9.74
CA GLU B 308 2.77 -15.53 -9.35
C GLU B 308 2.04 -15.25 -8.04
N GLY B 309 2.44 -15.94 -6.97
CA GLY B 309 1.84 -15.70 -5.66
C GLY B 309 2.48 -14.54 -4.92
N GLY B 310 2.21 -14.49 -3.61
CA GLY B 310 2.62 -13.37 -2.77
C GLY B 310 1.43 -12.60 -2.25
N TYR B 311 1.23 -12.59 -0.92
CA TYR B 311 -0.04 -12.18 -0.33
C TYR B 311 0.03 -11.11 0.74
N ASN B 312 1.23 -10.66 1.12
CA ASN B 312 1.34 -9.44 1.93
C ASN B 312 1.46 -8.28 0.94
N LEU B 313 0.41 -7.45 0.88
CA LEU B 313 0.34 -6.42 -0.16
C LEU B 313 1.55 -5.48 -0.13
N THR B 314 2.00 -5.11 1.07
CA THR B 314 3.17 -4.24 1.18
C THR B 314 4.44 -4.98 0.74
N SER B 315 4.63 -6.21 1.20
CA SER B 315 5.83 -6.97 0.83
C SER B 315 5.91 -7.21 -0.68
N ILE B 316 4.79 -7.59 -1.31
CA ILE B 316 4.89 -7.87 -2.74
C ILE B 316 5.09 -6.60 -3.53
N SER B 317 4.53 -5.48 -3.07
CA SER B 317 4.71 -4.22 -3.80
C SER B 317 6.15 -3.75 -3.73
N GLU B 318 6.75 -3.77 -2.53
CA GLU B 318 8.16 -3.41 -2.40
C GLU B 318 9.05 -4.38 -3.16
N SER B 319 8.72 -5.67 -3.12
CA SER B 319 9.63 -6.67 -3.67
C SER B 319 9.64 -6.64 -5.19
N MET B 320 8.47 -6.62 -5.81
CA MET B 320 8.45 -6.61 -7.27
C MET B 320 8.97 -5.27 -7.82
N SER B 321 8.72 -4.16 -7.12
CA SER B 321 9.24 -2.86 -7.55
C SER B 321 10.76 -2.88 -7.57
N MET B 322 11.38 -3.51 -6.56
CA MET B 322 12.83 -3.62 -6.55
C MET B 322 13.33 -4.45 -7.72
N CYS B 323 12.59 -5.49 -8.10
CA CYS B 323 12.97 -6.26 -9.30
C CYS B 323 12.95 -5.40 -10.55
N THR B 324 11.92 -4.53 -10.70
CA THR B 324 11.87 -3.66 -11.88
C THR B 324 12.99 -2.63 -11.87
N SER B 325 13.32 -2.10 -10.70
CA SER B 325 14.46 -1.20 -10.59
C SER B 325 15.72 -1.89 -11.12
N MET B 326 15.84 -3.19 -10.84
CA MET B 326 17.02 -3.93 -11.27
C MET B 326 17.00 -4.07 -12.80
N LEU B 327 15.84 -4.40 -13.35
CA LEU B 327 15.67 -4.51 -14.80
C LEU B 327 16.00 -3.20 -15.50
N LEU B 328 15.70 -2.08 -14.85
CA LEU B 328 15.96 -0.78 -15.45
C LEU B 328 17.44 -0.41 -15.44
N GLY B 329 18.29 -1.18 -14.77
CA GLY B 329 19.72 -0.91 -14.72
C GLY B 329 20.21 -0.30 -13.42
N ASP B 330 19.34 -0.11 -12.44
CA ASP B 330 19.77 0.51 -11.19
C ASP B 330 20.74 -0.38 -10.42
N SER B 331 21.57 0.26 -9.60
CA SER B 331 22.60 -0.47 -8.86
C SER B 331 21.95 -1.36 -7.81
N PRO B 332 22.44 -2.59 -7.64
CA PRO B 332 21.88 -3.48 -6.63
C PRO B 332 22.00 -2.89 -5.24
N PRO B 333 21.00 -3.07 -4.40
CA PRO B 333 21.05 -2.52 -3.04
C PRO B 333 21.98 -3.37 -2.17
N SER B 334 22.28 -2.84 -0.97
CA SER B 334 23.13 -3.59 -0.06
C SER B 334 22.37 -4.77 0.54
N LEU B 335 23.11 -5.82 0.89
CA LEU B 335 22.56 -7.02 1.51
C LEU B 335 23.17 -7.21 2.89
N ASP B 336 22.49 -8.01 3.71
CA ASP B 336 22.99 -8.40 5.02
C ASP B 336 23.81 -9.69 4.93
N THR B 339 25.30 -12.87 8.81
CA THR B 339 24.38 -13.98 9.01
C THR B 339 24.75 -15.19 8.17
N PRO B 340 24.94 -16.33 8.83
CA PRO B 340 25.29 -17.56 8.10
C PRO B 340 24.05 -18.27 7.57
N LEU B 341 24.30 -19.21 6.65
CA LEU B 341 23.27 -20.11 6.19
C LEU B 341 22.66 -20.88 7.36
N LYS B 342 21.36 -21.10 7.30
CA LYS B 342 20.79 -22.17 8.07
C LYS B 342 21.41 -23.48 7.60
N THR B 343 21.73 -24.37 8.55
CA THR B 343 22.41 -25.60 8.16
C THR B 343 21.53 -26.46 7.27
N SER B 344 20.21 -26.49 7.53
CA SER B 344 19.35 -27.35 6.72
C SER B 344 19.28 -26.87 5.28
N ALA B 345 19.54 -25.57 5.04
CA ALA B 345 19.65 -25.08 3.68
C ALA B 345 20.90 -25.61 2.98
N THR B 346 22.01 -25.72 3.71
CA THR B 346 23.19 -26.36 3.12
C THR B 346 22.90 -27.82 2.80
N VAL B 347 22.12 -28.49 3.64
CA VAL B 347 21.76 -29.88 3.38
C VAL B 347 20.90 -30.00 2.13
N SER B 348 19.93 -29.11 1.96
CA SER B 348 19.13 -29.12 0.75
C SER B 348 20.00 -28.89 -0.49
N ILE B 349 20.83 -27.85 -0.45
CA ILE B 349 21.71 -27.55 -1.58
C ILE B 349 22.59 -28.75 -1.93
N ASN B 350 23.19 -29.37 -0.91
CA ASN B 350 24.03 -30.54 -1.16
C ASN B 350 23.23 -31.69 -1.75
N ASN B 351 21.97 -31.84 -1.35
CA ASN B 351 21.14 -32.89 -1.91
C ASN B 351 20.89 -32.67 -3.41
N VAL B 352 20.63 -31.42 -3.80
CA VAL B 352 20.41 -31.13 -5.21
C VAL B 352 21.68 -31.34 -6.02
N LEU B 353 22.83 -30.92 -5.46
CA LEU B 353 24.11 -31.14 -6.13
C LEU B 353 24.35 -32.63 -6.40
N ARG B 354 24.03 -33.48 -5.43
CA ARG B 354 24.18 -34.91 -5.65
C ARG B 354 23.26 -35.40 -6.75
N ALA B 355 22.03 -34.89 -6.78
CA ALA B 355 21.07 -35.32 -7.80
C ALA B 355 21.43 -34.81 -9.20
N HIS B 356 22.08 -33.64 -9.31
CA HIS B 356 22.23 -33.02 -10.63
C HIS B 356 23.65 -32.94 -11.16
N ALA B 357 24.66 -33.12 -10.32
CA ALA B 357 26.02 -33.20 -10.86
C ALA B 357 26.18 -34.25 -11.94
N PRO B 358 25.46 -35.38 -11.95
CA PRO B 358 25.56 -36.27 -13.11
C PRO B 358 25.15 -35.62 -14.43
N PHE B 359 24.28 -34.61 -14.41
CA PHE B 359 23.80 -33.99 -15.64
C PHE B 359 24.47 -32.66 -15.98
N TRP B 360 25.08 -31.99 -15.01
CA TRP B 360 25.59 -30.65 -15.18
C TRP B 360 27.07 -30.61 -14.78
N SER B 361 27.96 -30.51 -15.78
CA SER B 361 29.39 -30.52 -15.49
C SER B 361 29.80 -29.31 -14.66
N SER B 362 29.06 -28.21 -14.73
CA SER B 362 29.36 -27.03 -13.92
C SER B 362 29.23 -27.31 -12.42
N LEU B 363 28.55 -28.38 -12.03
CA LEU B 363 28.40 -28.69 -10.62
C LEU B 363 29.52 -29.62 -10.14
#